data_7B8B
#
_entry.id   7B8B
#
_cell.length_a   71.780
_cell.length_b   88.560
_cell.length_c   113.870
_cell.angle_alpha   90.000
_cell.angle_beta   90.000
_cell.angle_gamma   90.000
#
_symmetry.space_group_name_H-M   'P 21 21 21'
#
loop_
_entity.id
_entity.type
_entity.pdbx_description
1 polymer 'Polygalacturonase ADPG2'
2 non-polymer 'PHOSPHATE ION'
3 water water
#
_entity_poly.entity_id   1
_entity_poly.type   'polypeptide(L)'
_entity_poly.pdbx_seq_one_letter_code
;SRISPNVYDHSYKRFKSDSLIKRREDITGLRSFVRASLRTPTTVSVSDFGAKGDGKTDDTQAFVNAWKKACSSNGAVNLL
VPKGNTYLLKSIQLTGPCNSILTVQIFGTLSASQKRSDYKDISKWIMFDGVNNLSVDGGDTGVVDGNGETWWQNSCKRNK
AKPCTKAPTALTFYNSKSLIVKNLKVRNAQQIQISIEKCSNVQVSNVVVTAPADSPNTDGIHITNTQNIRVSESIIGTGD
DCISIESGSQNVQINDITCGPGHGISIGSLGDDNSKAFVSGVTVDGAKLSGTDNGVRIKTYQGGSGTASNIIFQNIQMDN
VKNPIIIDQDYCDKSKCTTEKSAVQVKNVVYRDISGTSASENAITFNCSKNYPCQGIVLDRVNIKGGKATCTNANVVDKG
AVLPQCNSTGGRVDHHHHHH
;
_entity_poly.pdbx_strand_id   A,B
#
loop_
_chem_comp.id
_chem_comp.type
_chem_comp.name
_chem_comp.formula
PO4 non-polymer 'PHOSPHATE ION' 'O4 P -3'
#
# COMPACT_ATOMS: atom_id res chain seq x y z
N LEU A 38 -16.05 10.31 -22.11
CA LEU A 38 -16.01 10.93 -20.80
C LEU A 38 -15.94 12.46 -20.88
N ARG A 39 -15.21 13.07 -19.96
CA ARG A 39 -15.06 14.52 -19.90
C ARG A 39 -14.39 15.05 -21.17
N THR A 40 -14.64 16.32 -21.47
CA THR A 40 -13.89 16.98 -22.52
C THR A 40 -12.48 17.28 -22.01
N PRO A 41 -11.44 16.77 -22.67
CA PRO A 41 -10.08 16.88 -22.14
C PRO A 41 -9.41 18.23 -22.43
N THR A 42 -8.81 18.82 -21.40
CA THR A 42 -7.94 19.97 -21.58
C THR A 42 -6.54 19.45 -21.84
N THR A 43 -5.90 19.94 -22.90
CA THR A 43 -4.58 19.45 -23.31
C THR A 43 -3.58 20.58 -23.45
N VAL A 44 -2.48 20.49 -22.71
CA VAL A 44 -1.32 21.36 -22.87
C VAL A 44 -0.26 20.53 -23.57
N SER A 45 0.05 20.88 -24.82
CA SER A 45 1.04 20.16 -25.60
C SER A 45 2.36 20.91 -25.62
N VAL A 46 3.46 20.16 -25.54
CA VAL A 46 4.78 20.78 -25.65
C VAL A 46 4.94 21.44 -27.01
N SER A 47 4.22 20.94 -28.02
CA SER A 47 4.18 21.59 -29.33
C SER A 47 3.84 23.07 -29.20
N ASP A 48 2.86 23.40 -28.35
CA ASP A 48 2.42 24.78 -28.17
C ASP A 48 3.50 25.68 -27.58
N PHE A 49 4.59 25.13 -27.06
CA PHE A 49 5.63 25.96 -26.44
C PHE A 49 6.97 25.89 -27.19
N GLY A 50 6.93 25.53 -28.47
CA GLY A 50 8.12 25.60 -29.30
C GLY A 50 8.96 24.35 -29.38
N ALA A 51 8.50 23.24 -28.80
CA ALA A 51 9.22 21.98 -28.92
C ALA A 51 9.22 21.52 -30.37
N LYS A 52 10.40 21.35 -30.94
CA LYS A 52 10.50 20.99 -32.36
C LYS A 52 10.32 19.49 -32.58
N GLY A 53 10.83 18.66 -31.67
CA GLY A 53 10.62 17.22 -31.79
C GLY A 53 11.42 16.53 -32.86
N ASP A 54 12.62 17.02 -33.16
CA ASP A 54 13.49 16.41 -34.15
C ASP A 54 14.64 15.61 -33.55
N GLY A 55 14.74 15.55 -32.22
CA GLY A 55 15.83 14.86 -31.58
C GLY A 55 17.17 15.57 -31.61
N LYS A 56 17.27 16.71 -32.29
CA LYS A 56 18.50 17.49 -32.34
C LYS A 56 18.38 18.85 -31.68
N THR A 57 17.24 19.51 -31.84
CA THR A 57 16.98 20.75 -31.12
C THR A 57 16.72 20.47 -29.65
N ASP A 58 17.32 21.28 -28.77
CA ASP A 58 17.04 21.16 -27.34
C ASP A 58 15.65 21.69 -27.04
N ASP A 59 14.77 20.81 -26.57
CA ASP A 59 13.38 21.16 -26.29
C ASP A 59 13.11 21.30 -24.79
N THR A 60 14.16 21.42 -23.98
CA THR A 60 14.00 21.43 -22.53
C THR A 60 13.11 22.57 -22.05
N GLN A 61 13.39 23.79 -22.53
CA GLN A 61 12.64 24.95 -22.06
C GLN A 61 11.18 24.88 -22.48
N ALA A 62 10.90 24.31 -23.65
CA ALA A 62 9.51 24.09 -24.05
C ALA A 62 8.79 23.20 -23.05
N PHE A 63 9.48 22.15 -22.58
CA PHE A 63 8.88 21.26 -21.59
C PHE A 63 8.69 21.98 -20.27
N VAL A 64 9.65 22.81 -19.87
CA VAL A 64 9.53 23.60 -18.64
C VAL A 64 8.28 24.47 -18.69
N ASN A 65 8.08 25.18 -19.81
CA ASN A 65 6.97 26.12 -19.88
C ASN A 65 5.63 25.39 -19.99
N ALA A 66 5.59 24.30 -20.76
CA ALA A 66 4.40 23.47 -20.81
C ALA A 66 4.03 22.94 -19.43
N TRP A 67 5.04 22.52 -18.65
CA TRP A 67 4.77 22.05 -17.29
C TRP A 67 4.23 23.18 -16.42
N LYS A 68 4.75 24.40 -16.57
CA LYS A 68 4.16 25.50 -15.81
C LYS A 68 2.69 25.67 -16.11
N LYS A 69 2.35 25.63 -17.39
CA LYS A 69 0.97 25.84 -17.80
C LYS A 69 0.06 24.72 -17.29
N ALA A 70 0.47 23.47 -17.49
CA ALA A 70 -0.37 22.34 -17.10
C ALA A 70 -0.48 22.22 -15.59
N CYS A 71 0.63 22.44 -14.88
CA CYS A 71 0.66 22.31 -13.43
C CYS A 71 -0.18 23.38 -12.76
N SER A 72 -0.17 24.60 -13.30
CA SER A 72 -0.93 25.67 -12.67
C SER A 72 -2.39 25.66 -13.04
N SER A 73 -2.77 24.92 -14.08
CA SER A 73 -4.17 24.90 -14.46
C SER A 73 -4.95 24.13 -13.39
N ASN A 74 -6.25 24.33 -13.42
CA ASN A 74 -7.14 23.64 -12.50
C ASN A 74 -7.68 22.40 -13.19
N GLY A 75 -8.15 21.43 -12.40
CA GLY A 75 -8.94 20.36 -13.00
C GLY A 75 -8.08 19.30 -13.67
N ALA A 76 -8.68 18.53 -14.58
CA ALA A 76 -7.95 17.46 -15.25
C ALA A 76 -7.24 18.01 -16.48
N VAL A 77 -5.92 17.73 -16.58
CA VAL A 77 -5.09 18.27 -17.64
C VAL A 77 -4.20 17.16 -18.19
N ASN A 78 -4.17 17.03 -19.52
CA ASN A 78 -3.20 16.18 -20.21
C ASN A 78 -2.02 17.04 -20.66
N LEU A 79 -0.82 16.67 -20.23
CA LEU A 79 0.41 17.25 -20.74
C LEU A 79 0.95 16.31 -21.81
N LEU A 80 0.85 16.72 -23.07
CA LEU A 80 1.04 15.81 -24.20
C LEU A 80 2.44 15.94 -24.80
N VAL A 81 3.12 14.81 -24.94
CA VAL A 81 4.34 14.67 -25.70
C VAL A 81 3.96 13.92 -26.98
N PRO A 82 3.76 14.62 -28.09
CA PRO A 82 3.13 14.01 -29.27
C PRO A 82 3.85 12.77 -29.79
N LYS A 83 3.05 11.79 -30.19
CA LYS A 83 3.53 10.55 -30.78
C LYS A 83 4.35 10.83 -32.04
N GLY A 84 5.38 10.00 -32.26
CA GLY A 84 6.15 10.05 -33.49
C GLY A 84 7.25 11.08 -33.54
N ASN A 85 7.51 11.80 -32.45
CA ASN A 85 8.58 12.77 -32.40
C ASN A 85 9.58 12.39 -31.32
N THR A 86 10.79 12.91 -31.44
CA THR A 86 11.86 12.68 -30.48
C THR A 86 12.27 14.03 -29.89
N TYR A 87 12.27 14.12 -28.56
CA TYR A 87 12.50 15.37 -27.85
C TYR A 87 13.79 15.25 -27.02
N LEU A 88 14.81 15.98 -27.45
CA LEU A 88 16.08 16.01 -26.72
C LEU A 88 15.93 16.88 -25.48
N LEU A 89 16.31 16.34 -24.32
CA LEU A 89 16.11 17.01 -23.05
C LEU A 89 17.38 16.95 -22.23
N LYS A 90 17.75 18.09 -21.65
CA LYS A 90 18.72 18.11 -20.57
C LYS A 90 18.02 17.62 -19.30
N SER A 91 18.69 17.74 -18.16
CA SER A 91 18.03 17.43 -16.90
C SER A 91 16.83 18.35 -16.72
N ILE A 92 15.75 17.80 -16.17
CA ILE A 92 14.52 18.57 -16.01
C ILE A 92 13.81 18.13 -14.75
N GLN A 93 13.37 19.11 -13.96
CA GLN A 93 12.64 18.89 -12.72
C GLN A 93 11.23 19.43 -12.88
N LEU A 94 10.25 18.55 -12.74
CA LEU A 94 8.84 18.88 -12.84
C LEU A 94 8.30 18.88 -11.41
N THR A 95 8.11 20.08 -10.86
CA THR A 95 7.88 20.26 -9.44
C THR A 95 6.41 20.52 -9.16
N GLY A 96 5.88 19.83 -8.15
CA GLY A 96 4.56 20.13 -7.64
C GLY A 96 4.64 20.77 -6.27
N PRO A 97 3.52 20.76 -5.52
CA PRO A 97 2.23 20.22 -5.93
C PRO A 97 1.60 21.10 -7.00
N CYS A 98 0.63 20.55 -7.73
CA CYS A 98 -0.01 21.26 -8.83
C CYS A 98 -1.50 21.41 -8.57
N ASN A 99 -2.09 22.46 -9.16
CA ASN A 99 -3.51 22.67 -9.01
C ASN A 99 -4.29 21.64 -9.81
N SER A 100 -3.67 21.10 -10.86
CA SER A 100 -4.30 20.17 -11.76
C SER A 100 -4.21 18.74 -11.26
N ILE A 101 -5.09 17.90 -11.79
CA ILE A 101 -4.91 16.45 -11.82
C ILE A 101 -4.27 16.15 -13.17
N LEU A 102 -2.99 15.78 -13.13
CA LEU A 102 -2.15 15.75 -14.32
C LEU A 102 -2.03 14.34 -14.85
N THR A 103 -2.29 14.18 -16.15
CA THR A 103 -1.91 12.99 -16.89
C THR A 103 -0.83 13.41 -17.89
N VAL A 104 0.38 12.92 -17.68
CA VAL A 104 1.47 13.19 -18.62
C VAL A 104 1.44 12.08 -19.67
N GLN A 105 1.09 12.45 -20.89
CA GLN A 105 0.95 11.50 -22.00
C GLN A 105 2.27 11.53 -22.76
N ILE A 106 3.18 10.63 -22.38
CA ILE A 106 4.47 10.50 -23.08
C ILE A 106 4.23 9.54 -24.23
N PHE A 107 3.75 10.08 -25.34
CA PHE A 107 3.45 9.26 -26.51
C PHE A 107 4.61 9.22 -27.50
N GLY A 108 5.46 10.24 -27.50
CA GLY A 108 6.67 10.26 -28.30
C GLY A 108 7.86 9.74 -27.52
N THR A 109 9.05 10.13 -27.98
CA THR A 109 10.31 9.66 -27.42
C THR A 109 11.04 10.81 -26.75
N LEU A 110 11.46 10.60 -25.51
CA LEU A 110 12.31 11.54 -24.80
C LEU A 110 13.75 11.05 -24.85
N SER A 111 14.65 11.92 -25.30
CA SER A 111 16.04 11.58 -25.57
C SER A 111 16.96 12.43 -24.70
N ALA A 112 17.83 11.77 -23.94
CA ALA A 112 18.67 12.45 -22.95
C ALA A 112 19.90 13.06 -23.61
N SER A 113 20.23 14.28 -23.17
CA SER A 113 21.53 14.84 -23.48
C SER A 113 22.64 13.91 -22.98
N GLN A 114 23.71 13.81 -23.75
CA GLN A 114 24.88 13.05 -23.32
C GLN A 114 25.97 13.94 -22.73
N LYS A 115 25.70 15.24 -22.59
CA LYS A 115 26.68 16.17 -22.05
C LYS A 115 26.53 16.21 -20.54
N ARG A 116 27.60 15.88 -19.82
CA ARG A 116 27.52 15.81 -18.37
C ARG A 116 27.20 17.17 -17.75
N SER A 117 27.60 18.26 -18.40
CA SER A 117 27.30 19.60 -17.91
C SER A 117 25.84 20.00 -18.09
N ASP A 118 25.04 19.19 -18.78
CA ASP A 118 23.62 19.46 -18.97
C ASP A 118 22.76 18.96 -17.80
N TYR A 119 23.36 18.46 -16.74
CA TYR A 119 22.63 17.88 -15.61
C TYR A 119 22.87 18.72 -14.37
N LYS A 120 21.89 19.54 -14.00
CA LYS A 120 21.85 20.21 -12.70
C LYS A 120 22.33 19.26 -11.60
N ASP A 121 21.53 18.23 -11.35
CA ASP A 121 21.87 17.16 -10.41
C ASP A 121 22.36 15.96 -11.23
N ILE A 122 23.65 15.63 -11.11
CA ILE A 122 24.22 14.54 -11.91
C ILE A 122 23.55 13.21 -11.64
N SER A 123 22.80 13.09 -10.54
CA SER A 123 22.08 11.86 -10.22
C SER A 123 20.70 11.78 -10.86
N LYS A 124 20.24 12.84 -11.53
CA LYS A 124 18.86 12.91 -12.01
C LYS A 124 18.82 13.43 -13.43
N TRP A 125 18.09 12.73 -14.31
CA TRP A 125 17.72 13.30 -15.60
C TRP A 125 16.34 13.93 -15.50
N ILE A 126 15.28 13.13 -15.65
CA ILE A 126 13.90 13.59 -15.49
C ILE A 126 13.47 13.26 -14.07
N MET A 127 13.02 14.27 -13.34
CA MET A 127 12.56 14.06 -11.96
C MET A 127 11.23 14.75 -11.74
N PHE A 128 10.21 13.99 -11.38
CA PHE A 128 8.96 14.53 -10.83
C PHE A 128 9.14 14.67 -9.33
N ASP A 129 8.83 15.87 -8.82
CA ASP A 129 9.16 16.22 -7.43
C ASP A 129 7.92 16.79 -6.77
N GLY A 130 7.32 16.03 -5.86
CA GLY A 130 6.23 16.54 -5.06
C GLY A 130 4.92 16.68 -5.80
N VAL A 131 4.65 15.81 -6.76
CA VAL A 131 3.44 15.91 -7.59
C VAL A 131 2.48 14.81 -7.12
N ASN A 132 1.35 15.23 -6.55
CA ASN A 132 0.32 14.32 -6.10
C ASN A 132 -0.73 14.12 -7.19
N ASN A 133 -1.37 12.95 -7.17
CA ASN A 133 -2.42 12.58 -8.13
C ASN A 133 -1.89 12.61 -9.55
N LEU A 134 -0.62 12.21 -9.71
CA LEU A 134 0.03 12.21 -11.01
C LEU A 134 -0.15 10.87 -11.70
N SER A 135 -0.45 10.93 -13.00
CA SER A 135 -0.48 9.74 -13.85
C SER A 135 0.42 9.98 -15.06
N VAL A 136 1.27 9.02 -15.34
CA VAL A 136 2.17 9.06 -16.51
C VAL A 136 1.78 7.90 -17.41
N ASP A 137 1.34 8.22 -18.62
CA ASP A 137 0.82 7.23 -19.55
C ASP A 137 1.62 7.30 -20.85
N GLY A 138 2.31 6.21 -21.18
CA GLY A 138 3.02 6.14 -22.44
C GLY A 138 2.19 5.69 -23.62
N GLY A 139 0.93 5.31 -23.39
CA GLY A 139 0.06 4.89 -24.47
C GLY A 139 0.57 3.74 -25.29
N ASP A 140 1.47 2.93 -24.73
CA ASP A 140 2.14 1.81 -25.39
C ASP A 140 3.04 2.24 -26.54
N THR A 141 3.26 3.54 -26.73
CA THR A 141 4.19 4.02 -27.75
C THR A 141 5.33 4.87 -27.20
N GLY A 142 5.16 5.50 -26.04
CA GLY A 142 6.19 6.40 -25.54
C GLY A 142 7.43 5.67 -25.09
N VAL A 143 8.57 6.33 -25.25
CA VAL A 143 9.87 5.77 -24.91
C VAL A 143 10.68 6.84 -24.20
N VAL A 144 11.28 6.47 -23.08
CA VAL A 144 12.21 7.32 -22.34
C VAL A 144 13.60 6.74 -22.53
N ASP A 145 14.43 7.41 -23.33
CA ASP A 145 15.71 6.87 -23.78
C ASP A 145 16.82 7.68 -23.15
N GLY A 146 17.58 7.04 -22.26
CA GLY A 146 18.66 7.72 -21.56
C GLY A 146 19.95 7.87 -22.33
N ASN A 147 20.08 7.20 -23.48
CA ASN A 147 21.32 7.22 -24.28
C ASN A 147 22.53 6.88 -23.41
N GLY A 148 22.41 5.80 -22.65
CA GLY A 148 23.34 5.52 -21.56
C GLY A 148 24.69 4.96 -21.95
N GLU A 149 24.91 4.60 -23.23
CA GLU A 149 26.11 3.86 -23.59
C GLU A 149 27.38 4.65 -23.29
N THR A 150 27.38 5.95 -23.61
CA THR A 150 28.55 6.77 -23.33
C THR A 150 28.82 6.88 -21.84
N TRP A 151 27.76 6.90 -21.02
CA TRP A 151 27.96 6.87 -19.58
C TRP A 151 28.50 5.51 -19.14
N TRP A 152 28.03 4.43 -19.76
CA TRP A 152 28.43 3.10 -19.36
C TRP A 152 29.91 2.86 -19.61
N GLN A 153 30.40 3.22 -20.81
CA GLN A 153 31.82 2.99 -21.10
C GLN A 153 32.73 3.83 -20.21
N ASN A 154 32.23 4.93 -19.65
CA ASN A 154 32.99 5.73 -18.70
C ASN A 154 32.81 5.25 -17.26
N SER A 155 32.02 4.21 -17.05
CA SER A 155 31.82 3.65 -15.73
C SER A 155 33.08 2.91 -15.27
N CYS A 156 33.32 2.95 -13.96
CA CYS A 156 34.46 2.24 -13.39
C CYS A 156 34.29 0.72 -13.41
N LYS A 157 33.06 0.21 -13.42
CA LYS A 157 32.89 -1.24 -13.50
C LYS A 157 33.29 -1.78 -14.87
N ARG A 158 33.38 -0.92 -15.84
CA ARG A 158 33.63 -1.26 -17.26
C ARG A 158 34.99 -0.79 -17.74
N ASN A 159 35.59 0.15 -17.03
CA ASN A 159 36.96 0.61 -17.26
C ASN A 159 37.55 0.99 -15.92
N LYS A 160 38.49 0.16 -15.44
CA LYS A 160 39.03 0.32 -14.10
C LYS A 160 40.09 1.40 -14.02
N ALA A 161 40.53 1.94 -15.14
CA ALA A 161 41.31 3.18 -15.18
C ALA A 161 40.44 4.41 -15.01
N LYS A 162 39.15 4.24 -14.73
CA LYS A 162 38.23 5.34 -14.56
C LYS A 162 37.82 5.47 -13.10
N PRO A 163 37.48 6.67 -12.65
CA PRO A 163 36.91 6.81 -11.30
C PRO A 163 35.43 6.46 -11.29
N CYS A 164 34.97 5.98 -10.14
CA CYS A 164 33.57 5.61 -10.00
C CYS A 164 32.76 6.87 -9.77
N THR A 165 31.76 7.10 -10.61
CA THR A 165 30.96 8.30 -10.55
C THR A 165 29.49 7.94 -10.57
N LYS A 166 28.67 8.81 -9.98
CA LYS A 166 27.23 8.66 -10.06
C LYS A 166 26.75 9.15 -11.42
N ALA A 167 25.88 8.37 -12.05
CA ALA A 167 25.29 8.70 -13.33
C ALA A 167 23.79 8.89 -13.15
N PRO A 168 23.14 9.66 -14.03
CA PRO A 168 21.76 10.07 -13.77
C PRO A 168 20.78 8.91 -13.79
N THR A 169 19.83 8.96 -12.86
CA THR A 169 18.62 8.16 -13.00
C THR A 169 17.77 8.73 -14.13
N ALA A 170 17.34 7.87 -15.05
CA ALA A 170 16.58 8.35 -16.20
C ALA A 170 15.27 8.98 -15.77
N LEU A 171 14.51 8.30 -14.91
CA LEU A 171 13.16 8.71 -14.56
C LEU A 171 12.96 8.52 -13.06
N THR A 172 12.78 9.63 -12.34
CA THR A 172 12.60 9.59 -10.89
C THR A 172 11.22 10.16 -10.54
N PHE A 173 10.51 9.47 -9.67
CA PHE A 173 9.32 9.98 -9.01
C PHE A 173 9.64 10.13 -7.54
N TYR A 174 9.51 11.36 -7.02
CA TYR A 174 9.95 11.68 -5.67
C TYR A 174 8.85 12.43 -4.95
N ASN A 175 8.52 11.98 -3.74
CA ASN A 175 7.58 12.67 -2.85
C ASN A 175 6.20 12.82 -3.51
N SER A 176 5.70 11.73 -4.06
CA SER A 176 4.40 11.73 -4.74
C SER A 176 3.44 10.80 -4.01
N LYS A 177 2.19 11.24 -3.87
CA LYS A 177 1.11 10.42 -3.34
C LYS A 177 0.10 10.17 -4.46
N SER A 178 -0.47 8.96 -4.46
N SER A 178 -0.47 8.96 -4.47
CA SER A 178 -1.43 8.54 -5.47
CA SER A 178 -1.46 8.56 -5.47
C SER A 178 -0.86 8.72 -6.88
C SER A 178 -0.87 8.70 -6.89
N LEU A 179 0.17 7.91 -7.14
CA LEU A 179 0.91 7.96 -8.39
C LEU A 179 0.56 6.78 -9.27
N ILE A 180 0.43 7.02 -10.57
CA ILE A 180 0.20 5.97 -11.56
C ILE A 180 1.20 6.12 -12.68
N VAL A 181 1.92 5.04 -13.00
CA VAL A 181 2.84 4.97 -14.12
C VAL A 181 2.49 3.73 -14.94
N LYS A 182 2.20 3.92 -16.22
CA LYS A 182 1.68 2.80 -17.00
C LYS A 182 2.01 2.95 -18.48
N ASN A 183 2.06 1.80 -19.16
CA ASN A 183 2.09 1.71 -20.63
C ASN A 183 3.29 2.46 -21.21
N LEU A 184 4.42 2.40 -20.53
CA LEU A 184 5.59 3.21 -20.86
C LEU A 184 6.80 2.31 -21.03
N LYS A 185 7.71 2.72 -21.91
CA LYS A 185 8.97 2.02 -22.11
C LYS A 185 10.13 2.93 -21.74
N VAL A 186 11.03 2.41 -20.91
CA VAL A 186 12.25 3.11 -20.51
C VAL A 186 13.44 2.26 -20.93
N ARG A 187 14.36 2.86 -21.68
CA ARG A 187 15.46 2.10 -22.25
C ARG A 187 16.78 2.83 -22.08
N ASN A 188 17.85 2.06 -21.86
CA ASN A 188 19.22 2.55 -21.94
C ASN A 188 19.46 3.74 -21.03
N ALA A 189 18.97 3.65 -19.79
CA ALA A 189 19.21 4.70 -18.82
C ALA A 189 20.70 4.91 -18.59
N GLN A 190 21.05 6.14 -18.20
CA GLN A 190 22.44 6.43 -17.85
C GLN A 190 22.89 5.56 -16.69
N GLN A 191 22.08 5.46 -15.64
CA GLN A 191 22.29 4.49 -14.58
C GLN A 191 20.96 3.84 -14.22
N ILE A 192 20.41 4.17 -13.05
CA ILE A 192 19.11 3.63 -12.66
C ILE A 192 18.07 4.06 -13.69
N GLN A 193 17.20 3.12 -14.08
CA GLN A 193 16.20 3.42 -15.10
C GLN A 193 15.01 4.17 -14.50
N ILE A 194 14.26 3.52 -13.62
CA ILE A 194 13.14 4.15 -12.93
C ILE A 194 13.41 4.07 -11.43
N SER A 195 13.25 5.18 -10.73
CA SER A 195 13.34 5.21 -9.29
C SER A 195 12.08 5.83 -8.72
N ILE A 196 11.53 5.19 -7.69
CA ILE A 196 10.33 5.64 -6.99
C ILE A 196 10.74 5.80 -5.53
N GLU A 197 10.83 7.05 -5.08
CA GLU A 197 11.47 7.40 -3.82
C GLU A 197 10.52 8.29 -3.01
N LYS A 198 10.33 7.94 -1.74
CA LYS A 198 9.49 8.72 -0.83
C LYS A 198 8.08 8.89 -1.38
N CYS A 199 7.56 7.83 -2.00
CA CYS A 199 6.24 7.87 -2.61
C CYS A 199 5.26 7.06 -1.77
N SER A 200 3.98 7.29 -2.03
CA SER A 200 2.93 6.60 -1.29
C SER A 200 1.74 6.36 -2.18
N ASN A 201 1.15 5.16 -2.08
CA ASN A 201 0.02 4.74 -2.90
C ASN A 201 0.36 4.83 -4.39
N VAL A 202 1.11 3.85 -4.90
CA VAL A 202 1.67 3.89 -6.24
C VAL A 202 1.23 2.65 -7.01
N GLN A 203 0.88 2.85 -8.28
CA GLN A 203 0.56 1.73 -9.18
C GLN A 203 1.36 1.89 -10.46
N VAL A 204 2.23 0.93 -10.73
CA VAL A 204 3.03 0.83 -11.95
C VAL A 204 2.57 -0.42 -12.69
N SER A 205 2.17 -0.24 -13.94
CA SER A 205 1.59 -1.36 -14.69
C SER A 205 1.95 -1.27 -16.17
N ASN A 206 2.30 -2.41 -16.75
CA ASN A 206 2.53 -2.54 -18.19
C ASN A 206 3.65 -1.62 -18.67
N VAL A 207 4.78 -1.67 -17.97
CA VAL A 207 5.96 -0.93 -18.39
C VAL A 207 7.01 -1.92 -18.88
N VAL A 208 7.90 -1.42 -19.74
CA VAL A 208 9.01 -2.19 -20.29
C VAL A 208 10.29 -1.43 -19.98
N VAL A 209 11.23 -2.10 -19.32
CA VAL A 209 12.51 -1.50 -18.95
C VAL A 209 13.61 -2.38 -19.53
N THR A 210 14.46 -1.80 -20.38
CA THR A 210 15.44 -2.57 -21.12
C THR A 210 16.79 -1.85 -21.19
N ALA A 211 17.85 -2.62 -20.99
CA ALA A 211 19.22 -2.17 -21.20
C ALA A 211 20.11 -3.40 -21.32
N PRO A 212 21.26 -3.30 -21.97
CA PRO A 212 22.12 -4.47 -22.17
C PRO A 212 22.51 -5.13 -20.86
N ALA A 213 22.71 -6.45 -20.93
CA ALA A 213 23.01 -7.24 -19.74
C ALA A 213 24.29 -6.78 -19.05
N ASP A 214 25.24 -6.21 -19.80
CA ASP A 214 26.52 -5.79 -19.25
C ASP A 214 26.58 -4.29 -19.00
N SER A 215 25.44 -3.59 -19.09
CA SER A 215 25.42 -2.19 -18.70
C SER A 215 25.51 -2.08 -17.18
N PRO A 216 26.31 -1.15 -16.65
CA PRO A 216 26.56 -1.13 -15.21
C PRO A 216 25.47 -0.39 -14.44
N ASN A 217 25.00 -1.02 -13.36
CA ASN A 217 24.16 -0.38 -12.34
C ASN A 217 22.86 0.16 -12.90
N THR A 218 22.33 -0.48 -13.95
CA THR A 218 21.08 -0.01 -14.57
C THR A 218 19.89 -0.76 -13.95
N ASP A 219 19.67 -0.51 -12.67
CA ASP A 219 18.50 -1.01 -11.90
C ASP A 219 17.23 -0.73 -12.70
N GLY A 220 16.39 -1.73 -12.88
CA GLY A 220 15.16 -1.60 -13.63
C GLY A 220 14.15 -0.71 -12.94
N ILE A 221 13.62 -1.16 -11.80
CA ILE A 221 12.73 -0.36 -10.99
C ILE A 221 13.29 -0.37 -9.57
N HIS A 222 13.68 0.81 -9.11
CA HIS A 222 14.29 1.03 -7.80
C HIS A 222 13.22 1.63 -6.91
N ILE A 223 12.98 0.99 -5.77
CA ILE A 223 11.91 1.39 -4.86
C ILE A 223 12.56 1.68 -3.52
N THR A 224 12.44 2.92 -3.06
CA THR A 224 13.13 3.30 -1.83
C THR A 224 12.27 4.27 -1.03
N ASN A 225 12.09 3.95 0.25
CA ASN A 225 11.25 4.74 1.15
C ASN A 225 9.86 4.97 0.58
N THR A 226 9.31 3.93 -0.04
CA THR A 226 7.99 3.98 -0.66
C THR A 226 7.07 2.96 -0.03
N GLN A 227 5.83 3.37 0.25
CA GLN A 227 4.85 2.53 0.90
C GLN A 227 3.60 2.42 0.04
N ASN A 228 2.97 1.24 0.08
CA ASN A 228 1.76 0.94 -0.68
C ASN A 228 1.99 1.14 -2.18
N ILE A 229 2.72 0.20 -2.76
CA ILE A 229 3.05 0.25 -4.19
C ILE A 229 2.82 -1.12 -4.79
N ARG A 230 2.22 -1.15 -5.99
CA ARG A 230 2.09 -2.37 -6.78
C ARG A 230 2.74 -2.16 -8.14
N VAL A 231 3.62 -3.08 -8.52
CA VAL A 231 4.20 -3.15 -9.86
C VAL A 231 3.68 -4.44 -10.48
N SER A 232 3.00 -4.32 -11.61
CA SER A 232 2.33 -5.48 -12.19
C SER A 232 2.46 -5.49 -13.71
N GLU A 233 2.47 -6.70 -14.26
CA GLU A 233 2.35 -6.95 -15.69
C GLU A 233 3.42 -6.19 -16.48
N SER A 234 4.68 -6.35 -16.05
CA SER A 234 5.79 -5.61 -16.61
C SER A 234 6.95 -6.53 -16.99
N ILE A 235 7.84 -5.98 -17.80
CA ILE A 235 8.94 -6.72 -18.42
C ILE A 235 10.22 -5.92 -18.21
N ILE A 236 11.20 -6.53 -17.54
CA ILE A 236 12.46 -5.87 -17.23
C ILE A 236 13.60 -6.76 -17.69
N GLY A 237 14.47 -6.20 -18.54
CA GLY A 237 15.69 -6.86 -18.94
C GLY A 237 16.82 -5.86 -19.01
N THR A 238 17.67 -5.83 -17.99
N THR A 238 17.69 -5.93 -18.00
CA THR A 238 18.57 -4.70 -17.79
CA THR A 238 18.59 -4.80 -17.79
C THR A 238 19.88 -5.22 -17.20
C THR A 238 19.91 -5.31 -17.20
N GLY A 239 20.79 -4.28 -16.90
CA GLY A 239 22.14 -4.63 -16.51
C GLY A 239 22.38 -4.77 -15.02
N ASP A 240 21.38 -4.55 -14.18
CA ASP A 240 21.49 -4.78 -12.75
C ASP A 240 20.20 -5.37 -12.24
N ASP A 241 19.85 -5.08 -10.98
CA ASP A 241 18.60 -5.58 -10.41
C ASP A 241 17.42 -5.24 -11.32
N CYS A 242 16.61 -6.25 -11.63
CA CYS A 242 15.34 -5.98 -12.28
C CYS A 242 14.48 -5.09 -11.40
N ILE A 243 14.32 -5.49 -10.14
CA ILE A 243 13.65 -4.69 -9.13
C ILE A 243 14.53 -4.68 -7.89
N SER A 244 14.80 -3.50 -7.36
CA SER A 244 15.54 -3.36 -6.11
C SER A 244 14.67 -2.62 -5.11
N ILE A 245 14.58 -3.16 -3.89
CA ILE A 245 13.73 -2.61 -2.84
C ILE A 245 14.63 -2.20 -1.69
N GLU A 246 14.66 -0.91 -1.37
CA GLU A 246 15.58 -0.39 -0.37
C GLU A 246 14.81 0.05 0.88
N SER A 247 15.56 0.63 1.83
CA SER A 247 15.04 0.86 3.17
C SER A 247 13.88 1.86 3.17
N GLY A 248 13.00 1.71 4.16
CA GLY A 248 11.78 2.49 4.23
C GLY A 248 10.62 1.92 3.45
N SER A 249 10.87 0.90 2.63
CA SER A 249 9.84 0.30 1.80
C SER A 249 8.87 -0.56 2.62
N GLN A 250 7.57 -0.29 2.48
CA GLN A 250 6.55 -1.12 3.10
C GLN A 250 5.42 -1.36 2.12
N ASN A 251 4.81 -2.55 2.23
CA ASN A 251 3.64 -2.95 1.44
C ASN A 251 3.93 -2.81 -0.06
N VAL A 252 4.79 -3.70 -0.53
CA VAL A 252 5.23 -3.74 -1.91
C VAL A 252 4.66 -5.00 -2.54
N GLN A 253 3.98 -4.85 -3.67
CA GLN A 253 3.38 -5.96 -4.40
C GLN A 253 3.98 -6.00 -5.79
N ILE A 254 4.49 -7.15 -6.19
N ILE A 254 4.51 -7.15 -6.18
CA ILE A 254 5.12 -7.34 -7.51
CA ILE A 254 5.11 -7.35 -7.49
C ILE A 254 4.43 -8.54 -8.15
C ILE A 254 4.41 -8.54 -8.13
N ASN A 255 3.54 -8.27 -9.10
CA ASN A 255 2.73 -9.30 -9.73
C ASN A 255 3.00 -9.39 -11.22
N ASP A 256 3.19 -10.61 -11.72
CA ASP A 256 3.24 -10.90 -13.16
C ASP A 256 4.32 -10.08 -13.86
N ILE A 257 5.57 -10.35 -13.49
CA ILE A 257 6.69 -9.67 -14.13
C ILE A 257 7.63 -10.71 -14.74
N THR A 258 8.26 -10.32 -15.83
CA THR A 258 9.34 -11.10 -16.42
C THR A 258 10.66 -10.39 -16.21
N CYS A 259 11.69 -11.13 -15.79
N CYS A 259 11.66 -11.15 -15.79
CA CYS A 259 12.99 -10.54 -15.48
CA CYS A 259 12.99 -10.68 -15.47
C CYS A 259 14.08 -11.37 -16.16
C CYS A 259 14.00 -11.42 -16.32
N GLY A 260 14.92 -10.69 -16.94
CA GLY A 260 15.96 -11.32 -17.71
C GLY A 260 16.22 -10.59 -19.01
N PRO A 261 17.46 -10.10 -19.21
CA PRO A 261 18.60 -10.19 -18.27
C PRO A 261 18.43 -9.33 -17.03
N GLY A 262 19.32 -9.49 -16.07
CA GLY A 262 19.23 -8.73 -14.84
C GLY A 262 19.88 -9.48 -13.70
N HIS A 263 19.87 -8.83 -12.53
CA HIS A 263 20.40 -9.44 -11.32
C HIS A 263 19.28 -9.96 -10.42
N GLY A 264 18.04 -9.99 -10.91
CA GLY A 264 16.95 -10.58 -10.19
C GLY A 264 16.08 -9.55 -9.47
N ILE A 265 15.26 -10.07 -8.56
CA ILE A 265 14.42 -9.26 -7.69
C ILE A 265 15.05 -9.28 -6.31
N SER A 266 15.49 -8.12 -5.84
CA SER A 266 16.34 -8.05 -4.66
C SER A 266 15.78 -7.04 -3.67
N ILE A 267 15.68 -7.46 -2.41
CA ILE A 267 15.54 -6.55 -1.28
C ILE A 267 16.94 -6.21 -0.79
N GLY A 268 17.27 -4.94 -0.82
CA GLY A 268 18.59 -4.44 -0.50
C GLY A 268 19.19 -3.64 -1.64
N SER A 269 20.39 -3.12 -1.40
CA SER A 269 21.16 -3.36 -0.18
C SER A 269 20.63 -2.64 1.05
N LEU A 270 20.68 -3.34 2.19
CA LEU A 270 20.16 -2.84 3.44
C LEU A 270 21.31 -2.71 4.44
N GLY A 271 21.33 -1.59 5.16
CA GLY A 271 22.25 -1.41 6.25
C GLY A 271 23.64 -0.94 5.86
N ASP A 272 23.83 -0.52 4.61
CA ASP A 272 25.13 0.05 4.22
C ASP A 272 25.37 1.34 4.99
N ASP A 273 26.65 1.68 5.16
CA ASP A 273 27.05 2.88 5.90
C ASP A 273 26.55 2.84 7.33
N ASN A 274 26.46 1.64 7.89
CA ASN A 274 25.99 1.42 9.27
C ASN A 274 24.60 2.00 9.51
N SER A 275 23.75 1.97 8.47
CA SER A 275 22.41 2.53 8.57
C SER A 275 21.44 1.57 9.24
N LYS A 276 20.41 2.13 9.87
CA LYS A 276 19.27 1.36 10.35
C LYS A 276 18.32 1.13 9.19
N ALA A 277 18.03 -0.12 8.89
CA ALA A 277 17.17 -0.46 7.77
C ALA A 277 15.80 -0.92 8.27
N PHE A 278 14.79 -0.71 7.42
CA PHE A 278 13.45 -1.20 7.72
C PHE A 278 12.74 -1.53 6.41
N VAL A 279 12.42 -2.80 6.21
CA VAL A 279 11.58 -3.26 5.10
C VAL A 279 10.56 -4.24 5.66
N SER A 280 9.31 -4.08 5.25
CA SER A 280 8.24 -4.90 5.78
C SER A 280 7.15 -5.08 4.72
N GLY A 281 6.66 -6.30 4.58
CA GLY A 281 5.49 -6.55 3.76
C GLY A 281 5.75 -6.48 2.27
N VAL A 282 6.54 -7.41 1.75
CA VAL A 282 6.84 -7.49 0.32
C VAL A 282 6.29 -8.82 -0.18
N THR A 283 5.55 -8.78 -1.28
CA THR A 283 5.05 -9.99 -1.92
C THR A 283 5.38 -9.92 -3.40
N VAL A 284 6.16 -10.90 -3.87
CA VAL A 284 6.35 -11.16 -5.28
C VAL A 284 5.54 -12.40 -5.60
N ASP A 285 4.60 -12.28 -6.52
CA ASP A 285 3.66 -13.35 -6.83
C ASP A 285 3.49 -13.41 -8.34
N GLY A 286 4.04 -14.44 -8.95
CA GLY A 286 3.98 -14.58 -10.39
C GLY A 286 5.13 -13.86 -11.08
N ALA A 287 6.26 -14.54 -11.23
CA ALA A 287 7.41 -13.98 -11.92
C ALA A 287 8.14 -15.06 -12.68
N LYS A 288 8.73 -14.67 -13.81
CA LYS A 288 9.60 -15.58 -14.56
C LYS A 288 10.96 -14.93 -14.74
N LEU A 289 11.99 -15.52 -14.14
CA LEU A 289 13.35 -15.02 -14.20
C LEU A 289 14.16 -15.95 -15.07
N SER A 290 14.89 -15.38 -16.03
CA SER A 290 15.60 -16.16 -17.04
C SER A 290 17.02 -15.63 -17.18
N GLY A 291 18.01 -16.48 -16.85
CA GLY A 291 19.39 -16.13 -17.06
C GLY A 291 19.87 -14.97 -16.21
N THR A 292 19.31 -14.80 -15.02
CA THR A 292 19.64 -13.68 -14.16
C THR A 292 20.75 -14.07 -13.19
N ASP A 293 21.51 -13.06 -12.76
CA ASP A 293 22.61 -13.31 -11.82
C ASP A 293 22.11 -13.70 -10.44
N ASN A 294 20.87 -13.33 -10.10
CA ASN A 294 20.22 -13.85 -8.91
C ASN A 294 18.75 -14.07 -9.23
N GLY A 295 18.11 -14.93 -8.44
CA GLY A 295 16.68 -15.13 -8.56
C GLY A 295 15.95 -14.17 -7.67
N VAL A 296 15.65 -14.60 -6.45
CA VAL A 296 15.09 -13.73 -5.42
C VAL A 296 16.13 -13.61 -4.32
N ARG A 297 16.51 -12.36 -4.02
CA ARG A 297 17.67 -12.07 -3.18
C ARG A 297 17.30 -11.11 -2.07
N ILE A 298 17.86 -11.35 -0.89
CA ILE A 298 17.93 -10.37 0.20
C ILE A 298 19.40 -10.16 0.52
N LYS A 299 19.84 -8.90 0.50
CA LYS A 299 21.24 -8.56 0.67
C LYS A 299 21.36 -7.46 1.72
N THR A 300 22.14 -7.71 2.77
CA THR A 300 22.34 -6.75 3.85
C THR A 300 23.83 -6.64 4.19
N TYR A 301 24.20 -5.48 4.76
CA TYR A 301 25.58 -5.16 5.06
C TYR A 301 25.90 -5.33 6.55
N GLN A 302 27.08 -5.87 6.83
CA GLN A 302 27.60 -5.87 8.18
C GLN A 302 27.71 -4.45 8.71
N GLY A 303 27.39 -4.27 9.99
CA GLY A 303 27.35 -2.96 10.59
C GLY A 303 25.99 -2.30 10.55
N GLY A 304 25.11 -2.76 9.67
CA GLY A 304 23.76 -2.26 9.63
C GLY A 304 22.98 -2.67 10.86
N SER A 305 21.81 -2.06 10.99
CA SER A 305 20.87 -2.37 12.05
C SER A 305 19.49 -2.41 11.44
N GLY A 306 18.48 -2.61 12.28
CA GLY A 306 17.13 -2.65 11.78
C GLY A 306 16.71 -4.03 11.35
N THR A 307 15.66 -4.07 10.53
CA THR A 307 14.95 -5.32 10.25
C THR A 307 14.44 -5.35 8.82
N ALA A 308 14.41 -6.55 8.25
CA ALA A 308 13.66 -6.84 7.02
C ALA A 308 12.76 -8.03 7.30
N SER A 309 11.44 -7.82 7.25
CA SER A 309 10.50 -8.84 7.70
C SER A 309 9.30 -8.91 6.78
N ASN A 310 8.57 -10.03 6.90
CA ASN A 310 7.30 -10.26 6.20
C ASN A 310 7.48 -10.16 4.68
N ILE A 311 8.21 -11.14 4.15
CA ILE A 311 8.59 -11.19 2.74
C ILE A 311 8.10 -12.52 2.17
N ILE A 312 7.48 -12.47 0.99
CA ILE A 312 6.94 -13.66 0.34
C ILE A 312 7.34 -13.62 -1.13
N PHE A 313 8.02 -14.68 -1.58
CA PHE A 313 8.30 -14.92 -2.99
C PHE A 313 7.55 -16.18 -3.37
N GLN A 314 6.52 -16.06 -4.20
CA GLN A 314 5.73 -17.24 -4.55
C GLN A 314 5.40 -17.24 -6.04
N ASN A 315 5.19 -18.44 -6.57
CA ASN A 315 4.86 -18.67 -7.98
C ASN A 315 5.95 -18.08 -8.89
N ILE A 316 7.17 -18.55 -8.68
CA ILE A 316 8.35 -18.06 -9.39
C ILE A 316 8.91 -19.19 -10.26
N GLN A 317 9.20 -18.85 -11.52
CA GLN A 317 9.81 -19.79 -12.46
C GLN A 317 11.26 -19.34 -12.72
N MET A 318 12.19 -20.25 -12.47
CA MET A 318 13.62 -20.01 -12.67
C MET A 318 14.06 -20.75 -13.92
N ASP A 319 14.56 -20.01 -14.91
CA ASP A 319 15.06 -20.57 -16.16
C ASP A 319 16.55 -20.25 -16.21
N ASN A 320 17.37 -21.22 -15.78
CA ASN A 320 18.83 -21.10 -15.84
C ASN A 320 19.31 -19.86 -15.08
N VAL A 321 18.98 -19.83 -13.79
CA VAL A 321 19.18 -18.67 -12.93
C VAL A 321 20.33 -18.95 -11.98
N LYS A 322 21.30 -18.04 -11.94
CA LYS A 322 22.30 -18.09 -10.89
C LYS A 322 21.69 -17.59 -9.59
N ASN A 323 22.14 -18.16 -8.47
CA ASN A 323 21.61 -17.88 -7.13
C ASN A 323 20.10 -17.74 -7.14
N PRO A 324 19.34 -18.83 -7.45
CA PRO A 324 17.88 -18.72 -7.48
C PRO A 324 17.29 -18.18 -6.18
N ILE A 325 17.73 -18.67 -5.03
CA ILE A 325 17.29 -18.16 -3.74
C ILE A 325 18.53 -17.78 -2.96
N ILE A 326 18.63 -16.52 -2.55
CA ILE A 326 19.82 -16.13 -1.79
C ILE A 326 19.47 -15.05 -0.77
N ILE A 327 19.86 -15.31 0.48
CA ILE A 327 20.00 -14.31 1.53
C ILE A 327 21.48 -14.24 1.87
N ASP A 328 22.07 -13.05 1.75
CA ASP A 328 23.51 -12.90 1.95
C ASP A 328 23.80 -11.68 2.82
N GLN A 329 24.23 -11.93 4.05
CA GLN A 329 24.58 -10.88 5.01
C GLN A 329 26.09 -10.77 5.27
N ASP A 330 26.94 -11.19 4.34
CA ASP A 330 28.38 -11.09 4.58
C ASP A 330 28.99 -9.84 3.98
N TYR A 331 28.17 -8.88 3.54
CA TYR A 331 28.65 -7.69 2.86
C TYR A 331 29.12 -6.59 3.81
N CYS A 332 30.14 -5.88 3.38
CA CYS A 332 30.67 -4.70 4.06
C CYS A 332 30.95 -3.65 2.98
N ASP A 333 30.94 -2.37 3.35
CA ASP A 333 31.10 -1.32 2.36
C ASP A 333 32.51 -0.75 2.29
N LYS A 334 33.48 -1.31 3.02
CA LYS A 334 34.87 -0.90 2.89
C LYS A 334 35.68 -2.00 2.22
N SER A 335 36.88 -1.65 1.76
CA SER A 335 37.79 -2.61 1.13
C SER A 335 38.39 -3.60 2.12
N LYS A 336 38.26 -3.37 3.43
CA LYS A 336 38.86 -4.22 4.46
C LYS A 336 37.79 -4.30 5.55
N CYS A 337 37.10 -5.43 5.59
CA CYS A 337 35.94 -5.59 6.47
C CYS A 337 36.37 -6.08 7.84
N THR A 338 35.76 -5.52 8.86
CA THR A 338 36.00 -5.85 10.26
C THR A 338 35.03 -6.92 10.71
N THR A 339 35.24 -7.41 11.93
CA THR A 339 34.29 -8.32 12.54
C THR A 339 32.97 -7.60 12.79
N GLU A 340 31.87 -8.27 12.47
CA GLU A 340 30.56 -7.62 12.46
C GLU A 340 30.06 -7.41 13.89
N LYS A 341 29.74 -6.16 14.22
CA LYS A 341 29.15 -5.82 15.50
C LYS A 341 27.63 -5.81 15.44
N SER A 342 27.06 -5.43 14.31
CA SER A 342 25.63 -5.25 14.14
C SER A 342 25.21 -5.79 12.77
N ALA A 343 23.95 -6.20 12.67
CA ALA A 343 23.43 -6.70 11.40
C ALA A 343 21.95 -6.37 11.29
N VAL A 344 21.47 -6.32 10.04
CA VAL A 344 20.04 -6.27 9.77
C VAL A 344 19.42 -7.64 10.06
N GLN A 345 18.40 -7.65 10.91
CA GLN A 345 17.72 -8.90 11.27
C GLN A 345 16.68 -9.24 10.19
N VAL A 346 16.83 -10.42 9.58
CA VAL A 346 15.91 -10.92 8.57
C VAL A 346 14.98 -11.97 9.18
N LYS A 347 13.67 -11.74 9.16
CA LYS A 347 12.64 -12.67 9.71
C LYS A 347 11.39 -12.77 8.82
N ASN A 348 10.78 -13.96 8.68
CA ASN A 348 9.49 -14.15 8.04
C ASN A 348 9.63 -13.97 6.53
N VAL A 349 10.38 -14.90 5.96
CA VAL A 349 10.61 -14.97 4.53
C VAL A 349 10.07 -16.30 4.06
N VAL A 350 9.15 -16.26 3.11
CA VAL A 350 8.48 -17.44 2.58
C VAL A 350 8.89 -17.58 1.12
N TYR A 351 9.37 -18.75 0.75
CA TYR A 351 9.59 -19.11 -0.64
C TYR A 351 8.60 -20.22 -0.96
N ARG A 352 7.66 -19.95 -1.87
CA ARG A 352 6.54 -20.84 -2.07
C ARG A 352 6.29 -21.03 -3.55
N ASP A 353 6.07 -22.28 -3.96
CA ASP A 353 5.78 -22.61 -5.36
C ASP A 353 6.84 -22.01 -6.29
N ILE A 354 8.09 -22.29 -5.98
CA ILE A 354 9.23 -21.88 -6.79
C ILE A 354 9.72 -23.11 -7.53
N SER A 355 9.92 -22.97 -8.84
CA SER A 355 10.24 -24.12 -9.67
C SER A 355 11.33 -23.71 -10.66
N GLY A 356 12.08 -24.70 -11.14
CA GLY A 356 12.98 -24.44 -12.25
C GLY A 356 14.39 -24.97 -12.13
N THR A 357 15.34 -24.30 -12.79
CA THR A 357 16.69 -24.81 -12.97
C THR A 357 17.71 -23.79 -12.48
N SER A 358 18.67 -24.25 -11.69
CA SER A 358 19.75 -23.42 -11.18
C SER A 358 20.95 -23.46 -12.12
N ALA A 359 21.50 -22.29 -12.42
CA ALA A 359 22.77 -22.17 -13.11
C ALA A 359 23.93 -22.03 -12.15
N SER A 360 23.66 -22.02 -10.85
N SER A 360 23.67 -22.01 -10.85
CA SER A 360 24.68 -21.89 -9.81
CA SER A 360 24.68 -21.89 -9.82
C SER A 360 24.91 -23.23 -9.13
C SER A 360 24.90 -23.22 -9.12
N GLU A 361 26.10 -23.38 -8.56
CA GLU A 361 26.39 -24.58 -7.78
C GLU A 361 25.42 -24.72 -6.62
N ASN A 362 25.10 -23.61 -5.97
CA ASN A 362 24.12 -23.57 -4.89
C ASN A 362 22.84 -22.92 -5.44
N ALA A 363 21.75 -23.68 -5.48
CA ALA A 363 20.46 -23.11 -5.85
C ALA A 363 19.86 -22.29 -4.72
N ILE A 364 20.15 -22.67 -3.48
CA ILE A 364 19.65 -21.99 -2.29
C ILE A 364 20.85 -21.64 -1.43
N THR A 365 20.95 -20.38 -1.04
CA THR A 365 22.07 -19.88 -0.23
C THR A 365 21.52 -19.01 0.88
N PHE A 366 21.71 -19.45 2.13
CA PHE A 366 21.35 -18.66 3.30
C PHE A 366 22.63 -18.41 4.11
N ASN A 367 23.29 -17.27 3.86
CA ASN A 367 24.48 -16.85 4.59
C ASN A 367 24.04 -15.71 5.52
N CYS A 368 23.59 -16.07 6.71
CA CYS A 368 23.01 -15.08 7.60
C CYS A 368 23.94 -14.75 8.76
N SER A 369 23.62 -13.65 9.43
CA SER A 369 24.49 -13.13 10.47
C SER A 369 24.49 -14.05 11.67
N LYS A 370 25.65 -14.15 12.30
CA LYS A 370 25.77 -14.99 13.49
C LYS A 370 25.04 -14.38 14.69
N ASN A 371 25.22 -13.09 14.93
CA ASN A 371 24.61 -12.46 16.11
C ASN A 371 23.13 -12.18 15.89
N TYR A 372 22.68 -12.15 14.64
CA TYR A 372 21.29 -11.93 14.27
C TYR A 372 20.91 -12.96 13.21
N PRO A 373 20.71 -14.22 13.62
CA PRO A 373 20.42 -15.28 12.64
C PRO A 373 19.09 -15.07 11.93
N CYS A 374 19.00 -15.56 10.70
CA CYS A 374 17.74 -15.48 9.98
C CYS A 374 16.70 -16.37 10.65
N GLN A 375 15.49 -15.84 10.81
CA GLN A 375 14.45 -16.49 11.57
C GLN A 375 13.19 -16.63 10.71
N GLY A 376 12.49 -17.74 10.88
CA GLY A 376 11.22 -17.92 10.20
C GLY A 376 11.36 -17.92 8.69
N ILE A 377 12.35 -18.63 8.19
CA ILE A 377 12.51 -18.87 6.76
C ILE A 377 11.73 -20.14 6.43
N VAL A 378 10.84 -20.04 5.45
CA VAL A 378 9.95 -21.14 5.09
C VAL A 378 10.21 -21.49 3.64
N LEU A 379 10.36 -22.78 3.36
CA LEU A 379 10.45 -23.29 2.00
C LEU A 379 9.26 -24.21 1.79
N ASP A 380 8.38 -23.81 0.87
CA ASP A 380 7.07 -24.43 0.67
C ASP A 380 6.93 -24.75 -0.82
N ARG A 381 7.01 -26.03 -1.16
CA ARG A 381 6.90 -26.49 -2.56
C ARG A 381 7.93 -25.79 -3.45
N VAL A 382 9.20 -25.97 -3.08
CA VAL A 382 10.34 -25.45 -3.83
C VAL A 382 11.04 -26.59 -4.54
N ASN A 383 11.24 -26.45 -5.86
CA ASN A 383 11.88 -27.49 -6.67
C ASN A 383 12.79 -26.84 -7.71
N ILE A 384 14.05 -26.66 -7.33
CA ILE A 384 15.10 -26.11 -8.18
C ILE A 384 16.13 -27.21 -8.37
N LYS A 385 16.29 -27.60 -9.63
CA LYS A 385 17.23 -28.69 -9.99
C LYS A 385 18.54 -28.07 -10.42
N GLY A 386 19.62 -28.82 -10.40
CA GLY A 386 20.85 -28.25 -10.96
C GLY A 386 21.67 -27.59 -9.89
N GLY A 387 21.13 -27.51 -8.69
CA GLY A 387 21.91 -26.89 -7.62
C GLY A 387 21.64 -27.49 -6.26
N LYS A 388 22.59 -27.23 -5.35
CA LYS A 388 22.57 -27.65 -3.96
C LYS A 388 22.14 -26.47 -3.05
N ALA A 389 21.95 -26.75 -1.76
CA ALA A 389 21.50 -25.76 -0.79
C ALA A 389 22.56 -25.58 0.29
N THR A 390 22.91 -24.33 0.59
CA THR A 390 23.86 -23.98 1.64
C THR A 390 23.16 -23.07 2.64
N CYS A 391 23.18 -23.45 3.92
CA CYS A 391 22.41 -22.74 4.93
C CYS A 391 23.26 -22.56 6.19
N THR A 392 23.45 -21.30 6.59
CA THR A 392 24.28 -20.95 7.75
C THR A 392 23.57 -19.87 8.55
N ASN A 393 23.34 -20.14 9.84
CA ASN A 393 22.64 -19.22 10.74
C ASN A 393 21.22 -18.93 10.24
N ALA A 394 20.59 -19.93 9.63
CA ALA A 394 19.25 -19.79 9.10
C ALA A 394 18.36 -20.83 9.76
N ASN A 395 17.28 -20.37 10.36
CA ASN A 395 16.27 -21.27 10.92
C ASN A 395 15.25 -21.49 9.81
N VAL A 396 15.33 -22.65 9.16
CA VAL A 396 14.51 -22.95 8.01
C VAL A 396 13.46 -23.98 8.40
N VAL A 397 12.32 -23.91 7.74
CA VAL A 397 11.21 -24.83 7.94
C VAL A 397 10.77 -25.33 6.58
N ASP A 398 10.66 -26.65 6.44
CA ASP A 398 10.29 -27.28 5.18
C ASP A 398 8.82 -27.67 5.21
N LYS A 399 8.09 -27.27 4.17
CA LYS A 399 6.64 -27.46 4.07
C LYS A 399 6.39 -28.12 2.71
N GLY A 400 6.11 -29.41 2.71
CA GLY A 400 5.83 -30.08 1.47
C GLY A 400 7.11 -30.51 0.76
N ALA A 401 6.98 -30.70 -0.55
CA ALA A 401 8.14 -31.12 -1.35
C ALA A 401 9.10 -29.95 -1.51
N VAL A 402 10.32 -30.12 -1.00
N VAL A 402 10.33 -30.14 -1.02
CA VAL A 402 11.36 -29.10 -1.05
CA VAL A 402 11.36 -29.10 -1.06
C VAL A 402 12.63 -29.72 -1.60
C VAL A 402 12.63 -29.72 -1.60
N LEU A 403 13.17 -29.14 -2.66
CA LEU A 403 14.39 -29.62 -3.29
C LEU A 403 15.16 -28.44 -3.87
N PRO A 404 16.40 -28.20 -3.43
CA PRO A 404 17.15 -28.99 -2.45
C PRO A 404 16.94 -28.50 -1.02
N GLN A 405 17.30 -29.36 -0.07
CA GLN A 405 17.07 -29.13 1.35
C GLN A 405 18.39 -28.85 2.05
N CYS A 406 18.32 -28.10 3.14
CA CYS A 406 19.53 -27.65 3.80
C CYS A 406 20.21 -28.84 4.47
N THR B 40 -11.56 29.58 -13.28
CA THR B 40 -11.43 29.62 -11.80
C THR B 40 -12.29 28.52 -11.19
N PRO B 41 -11.85 27.83 -10.11
CA PRO B 41 -12.63 26.77 -9.47
C PRO B 41 -14.07 27.23 -9.15
N THR B 42 -15.06 26.49 -9.64
CA THR B 42 -16.46 26.82 -9.40
C THR B 42 -16.98 26.22 -8.10
N THR B 43 -17.88 26.96 -7.45
CA THR B 43 -18.45 26.53 -6.18
C THR B 43 -19.95 26.35 -6.36
N VAL B 44 -20.43 25.13 -6.13
CA VAL B 44 -21.83 24.78 -6.14
C VAL B 44 -22.27 24.60 -4.69
N SER B 45 -23.13 25.48 -4.21
CA SER B 45 -23.64 25.40 -2.84
C SER B 45 -25.00 24.72 -2.84
N VAL B 46 -25.21 23.82 -1.88
CA VAL B 46 -26.51 23.14 -1.78
C VAL B 46 -27.60 24.14 -1.45
N SER B 47 -27.28 25.21 -0.72
CA SER B 47 -28.23 26.29 -0.49
C SER B 47 -28.80 26.81 -1.79
N ASP B 48 -27.96 27.00 -2.81
CA ASP B 48 -28.42 27.51 -4.09
C ASP B 48 -29.41 26.59 -4.77
N PHE B 49 -29.57 25.35 -4.28
CA PHE B 49 -30.52 24.39 -4.82
C PHE B 49 -31.66 24.13 -3.87
N GLY B 50 -31.93 25.04 -2.94
CA GLY B 50 -33.09 24.97 -2.08
C GLY B 50 -32.88 24.25 -0.77
N ALA B 51 -31.65 23.86 -0.43
CA ALA B 51 -31.40 23.23 0.86
C ALA B 51 -31.67 24.22 1.98
N LYS B 52 -32.55 23.84 2.90
CA LYS B 52 -32.97 24.77 3.95
C LYS B 52 -31.94 24.86 5.06
N GLY B 53 -31.34 23.74 5.45
CA GLY B 53 -30.30 23.77 6.45
C GLY B 53 -30.79 24.04 7.85
N ASP B 54 -32.02 23.65 8.16
CA ASP B 54 -32.58 23.84 9.50
C ASP B 54 -32.64 22.55 10.29
N GLY B 55 -32.22 21.43 9.71
CA GLY B 55 -32.30 20.14 10.38
C GLY B 55 -33.68 19.53 10.45
N LYS B 56 -34.72 20.23 10.00
CA LYS B 56 -36.08 19.70 10.00
C LYS B 56 -36.67 19.54 8.60
N THR B 57 -36.40 20.46 7.69
CA THR B 57 -36.81 20.28 6.31
C THR B 57 -35.96 19.22 5.64
N ASP B 58 -36.60 18.35 4.87
CA ASP B 58 -35.86 17.34 4.12
C ASP B 58 -35.12 18.00 2.96
N ASP B 59 -33.79 17.93 3.01
CA ASP B 59 -32.94 18.57 2.01
C ASP B 59 -32.34 17.57 1.03
N THR B 60 -32.90 16.37 0.95
CA THR B 60 -32.31 15.31 0.12
C THR B 60 -32.27 15.71 -1.35
N GLN B 61 -33.41 16.16 -1.89
CA GLN B 61 -33.46 16.48 -3.32
C GLN B 61 -32.57 17.65 -3.68
N ALA B 62 -32.43 18.63 -2.78
CA ALA B 62 -31.49 19.72 -3.01
C ALA B 62 -30.07 19.19 -3.17
N PHE B 63 -29.69 18.21 -2.33
CA PHE B 63 -28.37 17.62 -2.44
C PHE B 63 -28.23 16.82 -3.74
N VAL B 64 -29.27 16.09 -4.12
CA VAL B 64 -29.25 15.34 -5.37
C VAL B 64 -28.98 16.28 -6.55
N ASN B 65 -29.70 17.40 -6.59
CA ASN B 65 -29.59 18.31 -7.75
C ASN B 65 -28.25 19.05 -7.72
N ALA B 66 -27.82 19.50 -6.54
CA ALA B 66 -26.50 20.12 -6.42
C ALA B 66 -25.41 19.17 -6.87
N TRP B 67 -25.52 17.88 -6.49
CA TRP B 67 -24.52 16.91 -6.92
C TRP B 67 -24.55 16.72 -8.42
N LYS B 68 -25.74 16.69 -9.02
CA LYS B 68 -25.78 16.54 -10.47
C LYS B 68 -25.06 17.70 -11.15
N LYS B 69 -25.24 18.92 -10.63
CA LYS B 69 -24.55 20.06 -11.23
C LYS B 69 -23.05 19.99 -11.02
N ALA B 70 -22.62 19.73 -9.79
CA ALA B 70 -21.19 19.73 -9.49
C ALA B 70 -20.48 18.59 -10.20
N CYS B 71 -21.08 17.41 -10.24
CA CYS B 71 -20.48 16.25 -10.88
C CYS B 71 -20.43 16.42 -12.39
N SER B 72 -21.47 17.00 -12.99
CA SER B 72 -21.47 17.13 -14.44
C SER B 72 -20.69 18.34 -14.92
N SER B 73 -20.35 19.27 -14.05
CA SER B 73 -19.64 20.44 -14.51
C SER B 73 -18.25 20.07 -14.95
N ASN B 74 -17.64 20.96 -15.69
CA ASN B 74 -16.27 20.68 -16.04
C ASN B 74 -15.37 21.28 -14.98
N GLY B 75 -14.22 20.63 -14.76
CA GLY B 75 -13.17 21.15 -13.92
C GLY B 75 -13.14 20.94 -12.43
N ALA B 76 -12.47 21.86 -11.75
CA ALA B 76 -12.45 21.76 -10.31
C ALA B 76 -13.64 22.50 -9.72
N VAL B 77 -14.39 21.78 -8.90
CA VAL B 77 -15.65 22.23 -8.36
C VAL B 77 -15.61 21.89 -6.89
N ASN B 78 -15.95 22.86 -6.07
CA ASN B 78 -16.24 22.65 -4.67
C ASN B 78 -17.74 22.51 -4.54
N LEU B 79 -18.19 21.38 -3.99
CA LEU B 79 -19.58 21.20 -3.60
C LEU B 79 -19.67 21.50 -2.11
N LEU B 80 -20.29 22.63 -1.78
CA LEU B 80 -20.20 23.22 -0.45
C LEU B 80 -21.44 22.90 0.38
N VAL B 81 -21.21 22.38 1.58
CA VAL B 81 -22.24 22.25 2.62
C VAL B 81 -21.93 23.31 3.67
N PRO B 82 -22.61 24.46 3.65
CA PRO B 82 -22.18 25.60 4.46
C PRO B 82 -22.11 25.30 5.94
N LYS B 83 -21.06 25.82 6.58
CA LYS B 83 -20.87 25.71 8.01
C LYS B 83 -22.03 26.35 8.77
N GLY B 84 -22.35 25.76 9.93
CA GLY B 84 -23.36 26.32 10.81
C GLY B 84 -24.78 25.94 10.52
N ASN B 85 -25.03 25.07 9.55
CA ASN B 85 -26.36 24.57 9.26
C ASN B 85 -26.39 23.05 9.41
N THR B 86 -27.60 22.52 9.59
CA THR B 86 -27.84 21.09 9.69
C THR B 86 -28.76 20.67 8.56
N TYR B 87 -28.35 19.65 7.80
CA TYR B 87 -29.07 19.24 6.59
C TYR B 87 -29.61 17.83 6.81
N LEU B 88 -30.93 17.73 6.94
CA LEU B 88 -31.59 16.45 7.10
C LEU B 88 -31.65 15.73 5.76
N LEU B 89 -31.18 14.48 5.74
CA LEU B 89 -31.04 13.73 4.50
C LEU B 89 -31.63 12.33 4.66
N LYS B 90 -32.39 11.90 3.66
CA LYS B 90 -32.70 10.49 3.51
C LYS B 90 -31.43 9.80 3.02
N SER B 91 -31.56 8.53 2.61
N SER B 91 -31.57 8.54 2.61
CA SER B 91 -30.48 7.87 1.94
CA SER B 91 -30.47 7.87 1.93
C SER B 91 -30.21 8.55 0.60
C SER B 91 -30.21 8.54 0.60
N ILE B 92 -28.93 8.65 0.24
CA ILE B 92 -28.55 9.39 -0.96
C ILE B 92 -27.33 8.74 -1.59
N GLN B 93 -27.39 8.60 -2.92
CA GLN B 93 -26.32 8.05 -3.73
C GLN B 93 -25.76 9.16 -4.61
N LEU B 94 -24.49 9.47 -4.43
CA LEU B 94 -23.78 10.45 -5.23
C LEU B 94 -22.87 9.64 -6.16
N THR B 95 -23.32 9.46 -7.40
N THR B 95 -23.29 9.36 -7.40
CA THR B 95 -22.72 8.52 -8.33
CA THR B 95 -22.69 8.42 -8.33
C THR B 95 -21.93 9.24 -9.40
C THR B 95 -21.90 9.15 -9.40
N GLY B 96 -20.76 8.70 -9.73
CA GLY B 96 -19.98 9.18 -10.84
C GLY B 96 -20.08 8.24 -12.02
N PRO B 97 -19.12 8.31 -12.96
CA PRO B 97 -17.96 9.20 -12.96
C PRO B 97 -18.38 10.65 -13.19
N CYS B 98 -17.51 11.59 -12.85
CA CYS B 98 -17.83 13.00 -12.97
C CYS B 98 -16.88 13.68 -13.95
N ASN B 99 -17.38 14.72 -14.60
CA ASN B 99 -16.54 15.48 -15.51
C ASN B 99 -15.60 16.38 -14.74
N SER B 100 -16.00 16.76 -13.53
CA SER B 100 -15.25 17.65 -12.68
C SER B 100 -14.22 16.89 -11.83
N ILE B 101 -13.26 17.64 -11.31
CA ILE B 101 -12.47 17.22 -10.16
C ILE B 101 -13.15 17.80 -8.93
N LEU B 102 -13.79 16.94 -8.15
CA LEU B 102 -14.74 17.38 -7.12
C LEU B 102 -14.09 17.39 -5.75
N THR B 103 -14.23 18.52 -5.04
CA THR B 103 -13.96 18.61 -3.61
C THR B 103 -15.28 18.86 -2.92
N VAL B 104 -15.75 17.87 -2.15
CA VAL B 104 -16.99 18.02 -1.39
C VAL B 104 -16.62 18.61 -0.02
N GLN B 105 -17.05 19.84 0.21
CA GLN B 105 -16.75 20.57 1.45
C GLN B 105 -17.93 20.38 2.40
N ILE B 106 -17.85 19.35 3.23
CA ILE B 106 -18.87 19.12 4.26
C ILE B 106 -18.43 19.94 5.47
N PHE B 107 -18.80 21.22 5.45
CA PHE B 107 -18.44 22.12 6.54
C PHE B 107 -19.54 22.23 7.58
N GLY B 108 -20.78 21.97 7.20
CA GLY B 108 -21.89 21.89 8.14
C GLY B 108 -22.13 20.47 8.62
N THR B 109 -23.35 20.22 9.08
CA THR B 109 -23.72 18.94 9.66
C THR B 109 -24.75 18.24 8.79
N LEU B 110 -24.50 16.99 8.45
CA LEU B 110 -25.46 16.14 7.76
C LEU B 110 -26.12 15.22 8.78
N SER B 111 -27.45 15.22 8.80
CA SER B 111 -28.24 14.53 9.81
C SER B 111 -29.13 13.49 9.15
N ALA B 112 -29.03 12.24 9.60
CA ALA B 112 -29.74 11.14 8.95
C ALA B 112 -31.18 11.06 9.42
N SER B 113 -32.08 10.84 8.47
CA SER B 113 -33.43 10.43 8.82
C SER B 113 -33.35 9.11 9.60
N GLN B 114 -34.26 9.01 10.55
CA GLN B 114 -34.45 7.80 11.36
C GLN B 114 -35.56 6.94 10.76
N LYS B 115 -36.21 7.35 9.69
CA LYS B 115 -37.32 6.54 9.12
C LYS B 115 -36.76 5.44 8.20
N ARG B 116 -37.01 4.17 8.50
CA ARG B 116 -36.53 3.04 7.69
C ARG B 116 -37.03 3.19 6.25
N SER B 117 -38.18 3.81 6.00
CA SER B 117 -38.68 4.00 4.64
C SER B 117 -37.90 5.07 3.90
N ASP B 118 -37.07 5.85 4.59
CA ASP B 118 -36.23 6.86 3.94
C ASP B 118 -34.93 6.27 3.43
N TYR B 119 -34.73 4.97 3.60
CA TYR B 119 -33.54 4.28 3.17
C TYR B 119 -34.01 3.29 2.11
N LYS B 120 -33.86 3.67 0.86
CA LYS B 120 -33.96 2.67 -0.20
C LYS B 120 -33.07 1.49 0.18
N ASP B 121 -31.76 1.72 0.19
CA ASP B 121 -30.81 0.65 0.50
C ASP B 121 -30.56 0.68 2.01
N ILE B 122 -31.08 -0.33 2.70
CA ILE B 122 -30.99 -0.43 4.14
C ILE B 122 -29.55 -0.56 4.61
N SER B 123 -28.63 -0.89 3.70
CA SER B 123 -27.21 -0.97 4.03
C SER B 123 -26.47 0.34 3.88
N LYS B 124 -27.09 1.38 3.31
CA LYS B 124 -26.39 2.60 2.95
C LYS B 124 -27.19 3.84 3.32
N TRP B 125 -26.55 4.80 3.97
CA TRP B 125 -27.11 6.13 4.10
C TRP B 125 -26.57 7.01 2.97
N ILE B 126 -25.39 7.60 3.19
CA ILE B 126 -24.71 8.38 2.16
C ILE B 126 -23.68 7.49 1.47
N MET B 127 -23.76 7.38 0.15
CA MET B 127 -22.78 6.58 -0.59
C MET B 127 -22.27 7.35 -1.80
N PHE B 128 -20.96 7.57 -1.85
CA PHE B 128 -20.28 8.01 -3.07
C PHE B 128 -19.91 6.78 -3.88
N ASP B 129 -20.27 6.79 -5.17
CA ASP B 129 -20.19 5.60 -6.01
C ASP B 129 -19.52 5.94 -7.34
N GLY B 130 -18.31 5.42 -7.55
CA GLY B 130 -17.67 5.52 -8.86
C GLY B 130 -17.12 6.86 -9.21
N VAL B 131 -16.66 7.64 -8.23
CA VAL B 131 -16.13 8.98 -8.45
C VAL B 131 -14.62 8.93 -8.25
N ASN B 132 -13.87 9.21 -9.32
CA ASN B 132 -12.42 9.26 -9.22
C ASN B 132 -11.94 10.67 -8.91
N ASN B 133 -10.82 10.76 -8.21
CA ASN B 133 -10.21 12.05 -7.81
C ASN B 133 -11.17 12.84 -6.94
N LEU B 134 -11.90 12.14 -6.08
CA LEU B 134 -12.85 12.76 -5.17
C LEU B 134 -12.14 13.13 -3.88
N SER B 135 -12.42 14.33 -3.38
CA SER B 135 -11.92 14.76 -2.08
C SER B 135 -13.10 15.20 -1.22
N VAL B 136 -13.15 14.69 0.00
CA VAL B 136 -14.16 15.07 0.97
C VAL B 136 -13.43 15.74 2.12
N ASP B 137 -13.72 17.01 2.35
CA ASP B 137 -13.01 17.83 3.32
C ASP B 137 -14.04 18.40 4.29
N GLY B 138 -13.93 18.01 5.56
CA GLY B 138 -14.80 18.55 6.57
C GLY B 138 -14.32 19.85 7.18
N GLY B 139 -13.13 20.31 6.81
CA GLY B 139 -12.61 21.57 7.34
C GLY B 139 -12.54 21.64 8.84
N ASP B 140 -12.48 20.50 9.52
CA ASP B 140 -12.46 20.38 10.97
C ASP B 140 -13.74 20.91 11.64
N THR B 141 -14.76 21.22 10.85
CA THR B 141 -16.05 21.62 11.40
C THR B 141 -17.21 20.73 10.97
N GLY B 142 -17.10 20.05 9.83
CA GLY B 142 -18.21 19.26 9.34
C GLY B 142 -18.44 18.00 10.16
N VAL B 143 -19.71 17.60 10.24
CA VAL B 143 -20.11 16.43 11.01
C VAL B 143 -21.11 15.63 10.19
N VAL B 144 -20.91 14.32 10.10
CA VAL B 144 -21.84 13.39 9.48
C VAL B 144 -22.46 12.58 10.60
N ASP B 145 -23.73 12.87 10.92
CA ASP B 145 -24.41 12.34 12.10
C ASP B 145 -25.49 11.36 11.66
N GLY B 146 -25.29 10.09 11.98
CA GLY B 146 -26.22 9.06 11.57
C GLY B 146 -27.48 8.93 12.40
N ASN B 147 -27.54 9.59 13.56
CA ASN B 147 -28.70 9.50 14.46
C ASN B 147 -29.06 8.05 14.74
N GLY B 148 -28.05 7.26 15.11
CA GLY B 148 -28.18 5.81 15.15
C GLY B 148 -28.95 5.24 16.32
N GLU B 149 -29.36 6.08 17.27
CA GLU B 149 -29.88 5.58 18.55
C GLU B 149 -31.10 4.69 18.35
N THR B 150 -32.05 5.14 17.51
CA THR B 150 -33.24 4.33 17.27
C THR B 150 -32.89 3.01 16.60
N TRP B 151 -31.86 3.00 15.76
CA TRP B 151 -31.40 1.74 15.18
C TRP B 151 -30.75 0.87 16.26
N TRP B 152 -30.03 1.49 17.20
CA TRP B 152 -29.30 0.71 18.19
C TRP B 152 -30.23 -0.07 19.10
N GLN B 153 -31.28 0.60 19.61
CA GLN B 153 -32.22 -0.07 20.50
C GLN B 153 -32.97 -1.20 19.79
N ASN B 154 -33.07 -1.14 18.47
CA ASN B 154 -33.68 -2.22 17.69
C ASN B 154 -32.69 -3.30 17.27
N SER B 155 -31.40 -3.13 17.55
CA SER B 155 -30.42 -4.13 17.16
C SER B 155 -30.47 -5.35 18.07
N CYS B 156 -30.26 -6.53 17.48
CA CYS B 156 -30.20 -7.76 18.24
C CYS B 156 -28.90 -7.88 19.04
N LYS B 157 -27.82 -7.25 18.55
CA LYS B 157 -26.55 -7.29 19.27
C LYS B 157 -26.60 -6.52 20.57
N ARG B 158 -27.58 -5.62 20.76
CA ARG B 158 -27.70 -4.82 22.01
C ARG B 158 -28.22 -5.73 23.14
N ASN B 159 -29.45 -6.24 22.99
CA ASN B 159 -30.16 -7.18 23.90
C ASN B 159 -30.89 -8.10 22.94
N LYS B 160 -30.50 -9.37 22.82
CA LYS B 160 -31.01 -10.21 21.70
C LYS B 160 -32.48 -10.68 21.85
N ALA B 161 -33.32 -10.08 22.66
CA ALA B 161 -34.74 -10.38 22.50
C ALA B 161 -35.35 -9.82 21.17
N LYS B 162 -34.49 -9.29 20.29
CA LYS B 162 -34.72 -8.69 18.98
C LYS B 162 -34.18 -9.60 17.87
N PRO B 163 -34.76 -9.53 16.68
CA PRO B 163 -34.15 -10.21 15.53
C PRO B 163 -33.04 -9.36 14.92
N CYS B 164 -32.08 -10.04 14.32
CA CYS B 164 -30.92 -9.38 13.73
C CYS B 164 -31.27 -8.84 12.34
N THR B 165 -31.07 -7.54 12.14
CA THR B 165 -31.37 -6.87 10.89
C THR B 165 -30.20 -5.98 10.49
N LYS B 166 -30.08 -5.71 9.19
CA LYS B 166 -29.07 -4.79 8.69
C LYS B 166 -29.51 -3.34 8.89
N ALA B 167 -28.57 -2.51 9.35
CA ALA B 167 -28.74 -1.08 9.52
C ALA B 167 -27.77 -0.33 8.62
N PRO B 168 -28.10 0.90 8.23
CA PRO B 168 -27.29 1.58 7.20
C PRO B 168 -25.89 1.94 7.67
N THR B 169 -24.93 1.77 6.77
CA THR B 169 -23.63 2.44 6.91
C THR B 169 -23.82 3.93 6.68
N ALA B 170 -23.30 4.75 7.60
CA ALA B 170 -23.49 6.19 7.50
C ALA B 170 -22.84 6.75 6.25
N LEU B 171 -21.58 6.39 5.99
CA LEU B 171 -20.79 7.01 4.93
C LEU B 171 -19.99 5.94 4.21
N THR B 172 -20.31 5.69 2.94
CA THR B 172 -19.64 4.69 2.14
C THR B 172 -18.97 5.35 0.94
N PHE B 173 -17.72 4.99 0.68
CA PHE B 173 -17.02 5.30 -0.54
C PHE B 173 -16.81 3.99 -1.29
N TYR B 174 -17.33 3.93 -2.52
CA TYR B 174 -17.43 2.68 -3.28
C TYR B 174 -16.90 2.90 -4.68
N ASN B 175 -15.99 2.02 -5.11
CA ASN B 175 -15.49 1.98 -6.48
C ASN B 175 -14.91 3.34 -6.89
N SER B 176 -14.12 3.92 -6.00
CA SER B 176 -13.50 5.22 -6.22
C SER B 176 -11.99 5.09 -6.22
N LYS B 177 -11.33 5.78 -7.15
CA LYS B 177 -9.88 5.81 -7.20
C LYS B 177 -9.37 7.22 -6.92
N SER B 178 -8.18 7.30 -6.34
CA SER B 178 -7.56 8.56 -5.93
C SER B 178 -8.50 9.35 -5.02
N LEU B 179 -8.80 8.75 -3.88
CA LEU B 179 -9.78 9.27 -2.93
C LEU B 179 -9.09 9.92 -1.76
N ILE B 180 -9.62 11.07 -1.33
CA ILE B 180 -9.15 11.76 -0.13
C ILE B 180 -10.35 12.06 0.75
N VAL B 181 -10.28 11.63 2.01
CA VAL B 181 -11.28 11.95 3.03
C VAL B 181 -10.52 12.52 4.23
N LYS B 182 -10.85 13.74 4.62
CA LYS B 182 -10.02 14.40 5.62
C LYS B 182 -10.81 15.42 6.43
N ASN B 183 -10.32 15.67 7.65
CA ASN B 183 -10.75 16.77 8.50
C ASN B 183 -12.26 16.71 8.78
N LEU B 184 -12.78 15.50 8.93
CA LEU B 184 -14.21 15.27 9.01
C LEU B 184 -14.54 14.46 10.26
N LYS B 185 -15.73 14.70 10.80
CA LYS B 185 -16.24 13.95 11.93
C LYS B 185 -17.48 13.16 11.51
N VAL B 186 -17.49 11.88 11.85
CA VAL B 186 -18.64 11.00 11.64
C VAL B 186 -19.05 10.46 13.01
N ARG B 187 -20.32 10.65 13.37
CA ARG B 187 -20.76 10.31 14.72
C ARG B 187 -22.08 9.56 14.68
N ASN B 188 -22.22 8.60 15.61
CA ASN B 188 -23.50 7.95 15.90
C ASN B 188 -24.12 7.32 14.67
N ALA B 189 -23.30 6.62 13.89
CA ALA B 189 -23.79 5.93 12.71
C ALA B 189 -24.86 4.91 13.08
N GLN B 190 -25.75 4.63 12.11
CA GLN B 190 -26.75 3.59 12.29
C GLN B 190 -26.10 2.24 12.52
N GLN B 191 -25.10 1.90 11.71
CA GLN B 191 -24.26 0.74 11.96
C GLN B 191 -22.80 1.11 11.71
N ILE B 192 -22.23 0.62 10.61
CA ILE B 192 -20.86 1.00 10.26
C ILE B 192 -20.80 2.51 10.05
N GLN B 193 -19.74 3.13 10.58
CA GLN B 193 -19.59 4.57 10.46
C GLN B 193 -19.06 4.96 9.08
N ILE B 194 -17.83 4.57 8.78
CA ILE B 194 -17.20 4.84 7.48
C ILE B 194 -16.84 3.50 6.86
N SER B 195 -17.19 3.31 5.59
CA SER B 195 -16.81 2.12 4.83
C SER B 195 -16.14 2.54 3.54
N ILE B 196 -15.02 1.90 3.23
CA ILE B 196 -14.25 2.15 2.03
C ILE B 196 -14.14 0.81 1.29
N GLU B 197 -14.85 0.70 0.18
CA GLU B 197 -15.10 -0.57 -0.49
C GLU B 197 -14.75 -0.45 -1.96
N LYS B 198 -13.97 -1.41 -2.46
CA LYS B 198 -13.58 -1.49 -3.87
C LYS B 198 -12.89 -0.20 -4.34
N CYS B 199 -12.07 0.39 -3.46
CA CYS B 199 -11.36 1.62 -3.76
C CYS B 199 -9.87 1.34 -3.89
N SER B 200 -9.14 2.29 -4.49
CA SER B 200 -7.70 2.15 -4.66
C SER B 200 -7.05 3.52 -4.64
N ASN B 201 -5.85 3.58 -4.04
CA ASN B 201 -5.11 4.81 -3.83
C ASN B 201 -5.94 5.78 -3.01
N VAL B 202 -6.02 5.53 -1.71
CA VAL B 202 -6.94 6.21 -0.80
C VAL B 202 -6.17 6.81 0.35
N GLN B 203 -6.54 8.03 0.74
CA GLN B 203 -5.98 8.71 1.90
C GLN B 203 -7.11 9.17 2.80
N VAL B 204 -7.14 8.65 4.02
CA VAL B 204 -8.05 9.10 5.07
C VAL B 204 -7.18 9.72 6.16
N SER B 205 -7.44 10.98 6.49
CA SER B 205 -6.54 11.66 7.42
C SER B 205 -7.31 12.67 8.26
N ASN B 206 -6.94 12.72 9.54
N ASN B 206 -6.94 12.73 9.54
CA ASN B 206 -7.48 13.71 10.49
CA ASN B 206 -7.49 13.73 10.47
C ASN B 206 -9.01 13.63 10.58
C ASN B 206 -9.01 13.63 10.59
N VAL B 207 -9.51 12.41 10.68
CA VAL B 207 -10.94 12.18 10.85
C VAL B 207 -11.20 11.79 12.30
N VAL B 208 -12.43 12.07 12.76
CA VAL B 208 -12.87 11.71 14.10
C VAL B 208 -14.13 10.88 13.96
N VAL B 209 -14.14 9.69 14.56
CA VAL B 209 -15.27 8.78 14.51
C VAL B 209 -15.69 8.50 15.95
N THR B 210 -16.95 8.79 16.27
CA THR B 210 -17.41 8.76 17.65
C THR B 210 -18.78 8.10 17.73
N ALA B 211 -18.93 7.22 18.72
CA ALA B 211 -20.21 6.62 19.07
C ALA B 211 -20.09 6.05 20.47
N PRO B 212 -21.21 5.91 21.20
CA PRO B 212 -21.13 5.38 22.56
C PRO B 212 -20.48 4.01 22.61
N ALA B 213 -19.80 3.73 23.72
CA ALA B 213 -19.05 2.49 23.86
C ALA B 213 -19.94 1.26 23.72
N ASP B 214 -21.21 1.37 24.06
CA ASP B 214 -22.13 0.25 24.03
C ASP B 214 -23.06 0.27 22.81
N SER B 215 -22.80 1.14 21.84
CA SER B 215 -23.57 1.11 20.61
C SER B 215 -23.19 -0.12 19.78
N PRO B 216 -24.17 -0.82 19.20
CA PRO B 216 -23.87 -2.09 18.54
C PRO B 216 -23.37 -1.92 17.11
N ASN B 217 -22.30 -2.64 16.78
CA ASN B 217 -21.83 -2.81 15.40
C ASN B 217 -21.42 -1.49 14.74
N THR B 218 -20.97 -0.52 15.53
CA THR B 218 -20.57 0.78 14.98
C THR B 218 -19.07 0.78 14.69
N ASP B 219 -18.67 -0.06 13.74
CA ASP B 219 -17.30 -0.07 13.24
C ASP B 219 -16.87 1.33 12.84
N GLY B 220 -15.66 1.72 13.27
CA GLY B 220 -15.14 3.04 12.97
C GLY B 220 -14.81 3.24 11.51
N ILE B 221 -13.77 2.56 11.02
CA ILE B 221 -13.41 2.59 9.60
C ILE B 221 -13.30 1.16 9.11
N HIS B 222 -14.18 0.80 8.18
CA HIS B 222 -14.28 -0.52 7.60
C HIS B 222 -13.67 -0.47 6.20
N ILE B 223 -12.72 -1.36 5.94
CA ILE B 223 -11.95 -1.37 4.70
C ILE B 223 -12.15 -2.73 4.06
N THR B 224 -12.69 -2.75 2.84
CA THR B 224 -13.01 -4.02 2.21
C THR B 224 -12.75 -3.95 0.70
N ASN B 225 -12.01 -4.94 0.20
N ASN B 225 -11.99 -5.03 0.20
CA ASN B 225 -11.65 -5.02 -1.22
CA ASN B 225 -11.62 -5.11 -1.22
C ASN B 225 -11.03 -3.70 -1.71
C ASN B 225 -11.00 -3.80 -1.71
N THR B 226 -10.19 -3.11 -0.86
CA THR B 226 -9.55 -1.84 -1.16
C THR B 226 -8.03 -2.01 -1.11
N GLN B 227 -7.35 -1.42 -2.10
CA GLN B 227 -5.91 -1.56 -2.24
C GLN B 227 -5.26 -0.18 -2.21
N ASN B 228 -4.06 -0.11 -1.63
CA ASN B 228 -3.29 1.14 -1.52
C ASN B 228 -4.10 2.20 -0.77
N ILE B 229 -4.22 2.01 0.54
CA ILE B 229 -4.96 2.94 1.38
C ILE B 229 -4.12 3.27 2.60
N ARG B 230 -4.09 4.54 2.97
CA ARG B 230 -3.45 5.00 4.20
C ARG B 230 -4.45 5.77 5.05
N VAL B 231 -4.57 5.36 6.31
CA VAL B 231 -5.39 6.03 7.32
C VAL B 231 -4.43 6.58 8.37
N SER B 232 -4.48 7.90 8.59
CA SER B 232 -3.48 8.57 9.40
C SER B 232 -4.12 9.63 10.30
N GLU B 233 -3.49 9.84 11.46
CA GLU B 233 -3.78 10.98 12.33
C GLU B 233 -5.25 11.04 12.73
N SER B 234 -5.78 9.93 13.21
CA SER B 234 -7.22 9.88 13.46
C SER B 234 -7.52 9.38 14.87
N ILE B 235 -8.75 9.69 15.28
CA ILE B 235 -9.25 9.48 16.63
C ILE B 235 -10.58 8.75 16.50
N ILE B 236 -10.66 7.55 17.05
CA ILE B 236 -11.84 6.71 16.93
C ILE B 236 -12.25 6.27 18.33
N GLY B 237 -13.48 6.55 18.69
CA GLY B 237 -14.07 6.05 19.93
C GLY B 237 -15.49 5.63 19.67
N THR B 238 -15.72 4.33 19.53
CA THR B 238 -16.96 3.83 18.97
C THR B 238 -17.33 2.52 19.66
N GLY B 239 -18.44 1.94 19.22
CA GLY B 239 -19.02 0.78 19.87
C GLY B 239 -18.62 -0.57 19.33
N ASP B 240 -17.80 -0.61 18.28
CA ASP B 240 -17.29 -1.88 17.76
C ASP B 240 -15.84 -1.71 17.36
N ASP B 241 -15.37 -2.49 16.37
CA ASP B 241 -14.00 -2.36 15.89
C ASP B 241 -13.70 -0.92 15.49
N CYS B 242 -12.61 -0.39 16.02
CA CYS B 242 -12.12 0.92 15.56
C CYS B 242 -11.77 0.87 14.08
N ILE B 243 -10.98 -0.13 13.68
CA ILE B 243 -10.65 -0.38 12.29
C ILE B 243 -10.95 -1.84 12.01
N SER B 244 -11.65 -2.12 10.91
CA SER B 244 -11.93 -3.48 10.48
CA SER B 244 -11.92 -3.49 10.48
C SER B 244 -11.46 -3.63 9.04
N ILE B 245 -10.60 -4.61 8.79
CA ILE B 245 -10.03 -4.84 7.47
C ILE B 245 -10.48 -6.20 6.98
N GLU B 246 -11.34 -6.21 5.95
N GLU B 246 -11.34 -6.21 5.95
CA GLU B 246 -11.95 -7.46 5.41
CA GLU B 246 -11.96 -7.47 5.41
C GLU B 246 -11.11 -8.08 4.29
C GLU B 246 -11.11 -8.08 4.29
N SER B 247 -11.75 -8.90 3.44
CA SER B 247 -11.10 -9.58 2.33
C SER B 247 -10.96 -8.68 1.12
N GLY B 248 -9.93 -8.96 0.32
CA GLY B 248 -9.57 -8.13 -0.81
C GLY B 248 -8.71 -6.93 -0.47
N SER B 249 -8.53 -6.63 0.81
CA SER B 249 -7.72 -5.49 1.23
C SER B 249 -6.24 -5.80 1.06
N GLN B 250 -5.54 -4.95 0.33
CA GLN B 250 -4.11 -5.09 0.12
C GLN B 250 -3.43 -3.74 0.25
N ASN B 251 -2.20 -3.74 0.76
CA ASN B 251 -1.39 -2.55 0.93
C ASN B 251 -2.15 -1.49 1.75
N VAL B 252 -2.31 -1.82 3.03
CA VAL B 252 -3.05 -1.00 3.98
C VAL B 252 -2.06 -0.45 5.00
N GLN B 253 -2.06 0.86 5.19
CA GLN B 253 -1.22 1.52 6.18
C GLN B 253 -2.11 2.28 7.14
N ILE B 254 -1.89 2.06 8.44
CA ILE B 254 -2.69 2.67 9.50
C ILE B 254 -1.69 3.27 10.47
N ASN B 255 -1.51 4.59 10.41
CA ASN B 255 -0.47 5.29 11.13
C ASN B 255 -1.09 6.29 12.09
N ASP B 256 -0.61 6.29 13.34
CA ASP B 256 -0.92 7.35 14.31
C ASP B 256 -2.42 7.46 14.55
N ILE B 257 -2.96 6.42 15.17
CA ILE B 257 -4.37 6.34 15.50
C ILE B 257 -4.53 6.20 17.00
N THR B 258 -5.58 6.82 17.55
N THR B 258 -5.55 6.73 17.54
CA THR B 258 -6.01 6.56 18.91
CA THR B 258 -5.99 6.47 18.91
C THR B 258 -7.36 5.88 18.86
C THR B 258 -7.34 5.78 18.86
N CYS B 259 -7.50 4.79 19.61
CA CYS B 259 -8.71 3.98 19.63
CA CYS B 259 -8.69 3.95 19.62
C CYS B 259 -9.12 3.73 21.06
N GLY B 260 -10.39 3.98 21.36
CA GLY B 260 -10.92 3.82 22.69
C GLY B 260 -11.97 4.87 23.00
N PRO B 261 -13.21 4.43 23.27
CA PRO B 261 -13.64 3.03 23.30
C PRO B 261 -13.69 2.37 21.92
N GLY B 262 -13.89 1.06 21.93
CA GLY B 262 -13.92 0.29 20.70
C GLY B 262 -13.55 -1.14 20.99
N HIS B 263 -13.59 -1.94 19.92
CA HIS B 263 -13.20 -3.34 20.00
C HIS B 263 -11.81 -3.60 19.43
N GLY B 264 -11.06 -2.55 19.13
CA GLY B 264 -9.69 -2.66 18.69
C GLY B 264 -9.51 -2.51 17.20
N ILE B 265 -8.32 -2.88 16.75
CA ILE B 265 -7.94 -2.86 15.34
C ILE B 265 -7.90 -4.31 14.86
N SER B 266 -8.75 -4.64 13.90
CA SER B 266 -9.03 -6.03 13.55
C SER B 266 -8.86 -6.28 12.06
N ILE B 267 -8.15 -7.35 11.74
CA ILE B 267 -8.24 -8.00 10.44
C ILE B 267 -9.33 -9.05 10.56
N GLY B 268 -10.38 -8.92 9.77
CA GLY B 268 -11.51 -9.83 9.86
C GLY B 268 -12.80 -9.10 10.17
N SER B 269 -13.87 -9.89 10.31
CA SER B 269 -13.83 -11.36 10.26
C SER B 269 -13.67 -11.90 8.83
N LEU B 270 -12.86 -12.95 8.66
CA LEU B 270 -12.54 -13.47 7.34
C LEU B 270 -13.06 -14.89 7.16
N GLY B 271 -13.56 -15.18 5.96
CA GLY B 271 -13.89 -16.55 5.59
C GLY B 271 -15.28 -17.05 5.93
N ASP B 272 -16.24 -16.16 6.19
CA ASP B 272 -17.60 -16.60 6.47
C ASP B 272 -18.18 -17.34 5.26
N ASP B 273 -19.15 -18.21 5.55
CA ASP B 273 -19.83 -19.03 4.53
C ASP B 273 -18.83 -19.88 3.75
N ASN B 274 -17.76 -20.31 4.43
CA ASN B 274 -16.70 -21.10 3.82
C ASN B 274 -16.09 -20.39 2.61
N SER B 275 -16.05 -19.06 2.66
CA SER B 275 -15.52 -18.24 1.58
C SER B 275 -14.00 -18.20 1.59
N LYS B 276 -13.43 -17.98 0.42
CA LYS B 276 -12.00 -17.71 0.28
C LYS B 276 -11.71 -16.24 0.58
N ALA B 277 -10.83 -16.00 1.54
CA ALA B 277 -10.44 -14.66 1.96
C ALA B 277 -9.05 -14.33 1.45
N PHE B 278 -8.78 -13.03 1.30
CA PHE B 278 -7.44 -12.58 0.91
C PHE B 278 -7.16 -11.23 1.54
N VAL B 279 -6.16 -11.19 2.43
CA VAL B 279 -5.62 -9.95 2.98
C VAL B 279 -4.10 -10.06 2.94
N SER B 280 -3.44 -9.01 2.45
CA SER B 280 -1.99 -9.05 2.32
C SER B 280 -1.44 -7.64 2.44
N GLY B 281 -0.36 -7.50 3.21
CA GLY B 281 0.36 -6.24 3.29
C GLY B 281 -0.37 -5.22 4.14
N VAL B 282 -0.45 -5.46 5.44
CA VAL B 282 -1.09 -4.56 6.39
C VAL B 282 -0.05 -4.10 7.39
N THR B 283 -0.01 -2.79 7.63
CA THR B 283 0.87 -2.18 8.62
C THR B 283 0.03 -1.30 9.53
N VAL B 284 0.06 -1.59 10.82
CA VAL B 284 -0.40 -0.68 11.85
C VAL B 284 0.84 -0.20 12.58
N ASP B 285 1.10 1.11 12.53
CA ASP B 285 2.35 1.65 13.07
C ASP B 285 2.03 2.94 13.82
N GLY B 286 2.14 2.89 15.14
CA GLY B 286 1.81 4.05 15.95
C GLY B 286 0.34 4.06 16.30
N ALA B 287 -0.03 3.40 17.39
CA ALA B 287 -1.41 3.36 17.83
C ALA B 287 -1.47 3.39 19.35
N LYS B 288 -2.51 4.00 19.86
CA LYS B 288 -2.78 4.03 21.29
C LYS B 288 -4.18 3.50 21.53
N LEU B 289 -4.28 2.34 22.18
CA LEU B 289 -5.55 1.68 22.44
C LEU B 289 -5.82 1.78 23.93
N SER B 290 -7.02 2.24 24.30
CA SER B 290 -7.36 2.48 25.70
C SER B 290 -8.73 1.90 26.01
N GLY B 291 -8.76 0.90 26.88
CA GLY B 291 -10.01 0.32 27.35
C GLY B 291 -10.83 -0.40 26.30
N THR B 292 -10.17 -1.00 25.32
CA THR B 292 -10.85 -1.65 24.21
C THR B 292 -11.05 -3.14 24.48
N ASP B 293 -12.06 -3.72 23.83
CA ASP B 293 -12.36 -5.13 23.99
C ASP B 293 -11.28 -6.02 23.38
N ASN B 294 -10.54 -5.52 22.40
CA ASN B 294 -9.37 -6.20 21.87
C ASN B 294 -8.29 -5.17 21.58
N GLY B 295 -7.06 -5.64 21.50
CA GLY B 295 -5.96 -4.78 21.09
C GLY B 295 -5.79 -4.82 19.60
N VAL B 296 -4.91 -5.70 19.12
CA VAL B 296 -4.76 -5.98 17.71
C VAL B 296 -5.20 -7.42 17.48
N ARG B 297 -6.17 -7.59 16.59
CA ARG B 297 -6.90 -8.84 16.45
C ARG B 297 -6.90 -9.30 15.00
N ILE B 298 -6.78 -10.61 14.82
CA ILE B 298 -7.11 -11.27 13.57
C ILE B 298 -8.20 -12.30 13.89
N LYS B 299 -9.32 -12.22 13.18
CA LYS B 299 -10.46 -13.08 13.45
C LYS B 299 -10.92 -13.72 12.14
N THR B 300 -11.00 -15.05 12.12
CA THR B 300 -11.42 -15.81 10.96
C THR B 300 -12.42 -16.87 11.36
N TYR B 301 -13.22 -17.30 10.39
CA TYR B 301 -14.30 -18.27 10.61
C TYR B 301 -13.82 -19.67 10.25
N GLN B 302 -14.22 -20.64 11.06
CA GLN B 302 -14.03 -22.04 10.66
C GLN B 302 -14.71 -22.29 9.32
N GLY B 303 -14.06 -23.06 8.45
CA GLY B 303 -14.57 -23.34 7.13
C GLY B 303 -14.10 -22.42 6.04
N GLY B 304 -13.60 -21.22 6.38
CA GLY B 304 -13.06 -20.33 5.38
C GLY B 304 -11.80 -20.87 4.73
N SER B 305 -11.36 -20.18 3.67
CA SER B 305 -10.12 -20.53 2.99
C SER B 305 -9.39 -19.24 2.64
N GLY B 306 -8.29 -19.38 1.90
CA GLY B 306 -7.51 -18.23 1.52
C GLY B 306 -6.43 -17.92 2.55
N THR B 307 -5.97 -16.67 2.52
N THR B 307 -5.94 -16.77 2.52
CA THR B 307 -4.81 -16.31 3.31
CA THR B 307 -4.79 -16.39 3.30
C THR B 307 -4.91 -14.87 3.81
C THR B 307 -4.89 -14.97 3.80
N ALA B 308 -4.36 -14.65 4.99
CA ALA B 308 -4.07 -13.32 5.54
C ALA B 308 -2.57 -13.31 5.83
N SER B 309 -1.83 -12.47 5.11
N SER B 309 -1.83 -12.47 5.11
CA SER B 309 -0.37 -12.54 5.15
CA SER B 309 -0.37 -12.53 5.12
C SER B 309 0.23 -11.14 5.24
C SER B 309 0.22 -11.13 5.26
N ASN B 310 1.48 -11.11 5.64
CA ASN B 310 2.30 -9.89 5.72
C ASN B 310 1.58 -8.78 6.48
N ILE B 311 1.43 -9.03 7.78
CA ILE B 311 0.73 -8.14 8.70
C ILE B 311 1.70 -7.78 9.82
N ILE B 312 1.81 -6.50 10.13
CA ILE B 312 2.72 -6.04 11.17
C ILE B 312 2.01 -5.00 12.03
N PHE B 313 2.01 -5.23 13.34
CA PHE B 313 1.52 -4.29 14.34
C PHE B 313 2.73 -3.81 15.14
N GLN B 314 3.08 -2.54 15.00
CA GLN B 314 4.26 -2.00 15.67
C GLN B 314 3.94 -0.66 16.30
N ASN B 315 4.67 -0.34 17.37
CA ASN B 315 4.52 0.91 18.12
C ASN B 315 3.08 1.07 18.62
N ILE B 316 2.63 0.08 19.40
CA ILE B 316 1.29 0.06 19.95
C ILE B 316 1.38 0.16 21.47
N GLN B 317 0.60 1.08 22.04
CA GLN B 317 0.52 1.25 23.49
C GLN B 317 -0.86 0.81 23.96
N MET B 318 -0.89 -0.15 24.88
CA MET B 318 -2.11 -0.72 25.42
C MET B 318 -2.34 -0.16 26.82
N ASP B 319 -3.48 0.50 27.00
CA ASP B 319 -3.87 1.08 28.28
C ASP B 319 -5.11 0.32 28.74
N ASN B 320 -4.92 -0.72 29.56
CA ASN B 320 -6.04 -1.47 30.14
C ASN B 320 -6.92 -2.05 29.04
N VAL B 321 -6.29 -2.85 28.18
CA VAL B 321 -6.91 -3.38 26.98
C VAL B 321 -7.19 -4.87 27.21
N LYS B 322 -8.43 -5.27 26.99
CA LYS B 322 -8.74 -6.69 26.97
C LYS B 322 -8.24 -7.29 25.66
N ASN B 323 -7.80 -8.55 25.71
CA ASN B 323 -7.18 -9.23 24.59
C ASN B 323 -6.23 -8.31 23.82
N PRO B 324 -5.13 -7.86 24.43
CA PRO B 324 -4.22 -6.96 23.71
C PRO B 324 -3.72 -7.51 22.38
N ILE B 325 -3.32 -8.77 22.34
CA ILE B 325 -2.92 -9.43 21.09
C ILE B 325 -3.77 -10.68 20.95
N ILE B 326 -4.52 -10.79 19.86
CA ILE B 326 -5.34 -11.98 19.70
C ILE B 326 -5.43 -12.38 18.23
N ILE B 327 -5.16 -13.66 17.97
CA ILE B 327 -5.55 -14.33 16.74
C ILE B 327 -6.58 -15.38 17.14
N ASP B 328 -7.75 -15.32 16.51
CA ASP B 328 -8.92 -16.13 16.87
C ASP B 328 -9.45 -16.71 15.58
N GLN B 329 -9.22 -18.01 15.36
CA GLN B 329 -9.75 -18.68 14.17
C GLN B 329 -10.94 -19.56 14.52
N ASP B 330 -11.51 -19.37 15.70
CA ASP B 330 -12.78 -19.96 16.10
C ASP B 330 -13.89 -18.93 16.13
N TYR B 331 -13.72 -17.81 15.41
CA TYR B 331 -14.65 -16.71 15.56
C TYR B 331 -16.02 -17.12 15.03
N CYS B 332 -17.06 -16.73 15.76
CA CYS B 332 -18.42 -17.08 15.37
C CYS B 332 -19.34 -15.90 15.53
N ASP B 333 -20.16 -15.66 14.50
CA ASP B 333 -21.14 -14.58 14.47
C ASP B 333 -22.56 -15.12 14.56
N LYS B 334 -22.73 -16.43 14.65
CA LYS B 334 -24.02 -17.08 14.67
C LYS B 334 -24.35 -17.70 16.03
N SER B 335 -25.60 -18.15 16.14
CA SER B 335 -26.02 -18.92 17.31
C SER B 335 -25.40 -20.32 17.35
N LYS B 336 -24.94 -20.79 16.17
CA LYS B 336 -24.35 -22.15 16.07
C LYS B 336 -23.40 -22.31 14.85
N CYS B 337 -22.10 -22.15 15.10
CA CYS B 337 -20.99 -22.41 14.20
C CYS B 337 -20.52 -23.86 14.34
N THR B 338 -20.22 -24.46 13.21
CA THR B 338 -19.71 -25.82 13.19
C THR B 338 -18.19 -25.80 13.19
N THR B 339 -17.60 -26.89 13.65
CA THR B 339 -16.18 -27.11 13.46
C THR B 339 -15.95 -27.70 12.07
N GLU B 340 -14.96 -27.16 11.36
CA GLU B 340 -14.73 -27.51 9.97
C GLU B 340 -13.24 -27.67 9.75
N LYS B 341 -12.87 -28.39 8.68
CA LYS B 341 -11.46 -28.66 8.44
C LYS B 341 -10.75 -27.49 7.78
N SER B 342 -11.43 -26.74 6.92
CA SER B 342 -10.76 -25.66 6.19
C SER B 342 -10.65 -24.42 7.07
N ALA B 343 -9.63 -23.62 6.81
CA ALA B 343 -9.41 -22.40 7.55
C ALA B 343 -8.69 -21.39 6.67
N VAL B 344 -8.84 -20.11 7.04
CA VAL B 344 -8.00 -19.07 6.46
C VAL B 344 -6.59 -19.22 7.00
N GLN B 345 -5.62 -19.31 6.11
CA GLN B 345 -4.23 -19.47 6.52
C GLN B 345 -3.65 -18.12 6.92
N VAL B 346 -3.21 -18.01 8.17
CA VAL B 346 -2.55 -16.83 8.68
C VAL B 346 -1.06 -17.08 8.63
N LYS B 347 -0.32 -16.17 8.00
CA LYS B 347 1.13 -16.32 7.92
C LYS B 347 1.79 -14.95 7.89
N ASN B 348 3.03 -14.90 8.39
CA ASN B 348 3.87 -13.70 8.35
C ASN B 348 3.20 -12.54 9.11
N VAL B 349 3.12 -12.71 10.42
CA VAL B 349 2.57 -11.70 11.33
C VAL B 349 3.66 -11.29 12.30
N VAL B 350 3.91 -9.99 12.38
CA VAL B 350 4.92 -9.40 13.25
C VAL B 350 4.22 -8.52 14.27
N TYR B 351 4.51 -8.73 15.55
CA TYR B 351 4.12 -7.84 16.62
C TYR B 351 5.40 -7.25 17.20
N ARG B 352 5.56 -5.93 17.11
CA ARG B 352 6.83 -5.30 17.42
C ARG B 352 6.60 -4.05 18.26
N ASP B 353 7.40 -3.89 19.32
CA ASP B 353 7.37 -2.71 20.17
C ASP B 353 5.95 -2.41 20.66
N ILE B 354 5.33 -3.42 21.26
CA ILE B 354 4.02 -3.30 21.87
C ILE B 354 4.23 -3.26 23.37
N SER B 355 3.61 -2.29 24.04
CA SER B 355 3.87 -2.10 25.46
C SER B 355 2.56 -1.80 26.15
N GLY B 356 2.52 -2.09 27.45
CA GLY B 356 1.39 -1.62 28.23
C GLY B 356 0.73 -2.62 29.16
N THR B 357 -0.56 -2.45 29.43
CA THR B 357 -1.26 -3.23 30.45
C THR B 357 -2.50 -3.89 29.88
N SER B 358 -2.64 -5.19 30.15
CA SER B 358 -3.78 -6.00 29.74
C SER B 358 -4.87 -6.02 30.81
N ALA B 359 -6.12 -5.90 30.39
CA ALA B 359 -7.26 -6.05 31.27
C ALA B 359 -7.84 -7.47 31.31
N SER B 360 -7.16 -8.47 30.75
CA SER B 360 -7.62 -9.85 30.68
C SER B 360 -6.62 -10.77 31.36
N GLU B 361 -6.97 -12.04 31.39
CA GLU B 361 -6.10 -13.09 31.93
C GLU B 361 -4.95 -13.23 30.95
N ASN B 362 -5.27 -13.22 29.66
CA ASN B 362 -4.35 -13.45 28.58
C ASN B 362 -4.11 -12.14 27.84
N ALA B 363 -2.88 -11.64 27.93
CA ALA B 363 -2.51 -10.50 27.13
C ALA B 363 -2.29 -10.93 25.70
N ILE B 364 -1.87 -12.18 25.50
CA ILE B 364 -1.60 -12.73 24.19
C ILE B 364 -2.38 -14.04 24.05
N THR B 365 -3.16 -14.15 22.98
CA THR B 365 -3.96 -15.34 22.71
C THR B 365 -3.83 -15.69 21.24
N PHE B 366 -3.24 -16.85 20.95
CA PHE B 366 -3.14 -17.39 19.60
C PHE B 366 -3.92 -18.70 19.55
N ASN B 367 -5.20 -18.61 19.18
CA ASN B 367 -6.05 -19.78 19.00
C ASN B 367 -6.23 -19.99 17.50
N CYS B 368 -5.31 -20.74 16.90
CA CYS B 368 -5.26 -20.92 15.46
C CYS B 368 -5.77 -22.30 15.06
N SER B 369 -5.97 -22.45 13.76
CA SER B 369 -6.63 -23.63 13.22
C SER B 369 -5.79 -24.89 13.40
N LYS B 370 -6.47 -26.01 13.62
CA LYS B 370 -5.77 -27.28 13.78
C LYS B 370 -5.13 -27.74 12.48
N ASN B 371 -5.90 -27.69 11.38
CA ASN B 371 -5.41 -28.17 10.10
C ASN B 371 -4.55 -27.14 9.37
N TYR B 372 -4.68 -25.86 9.73
CA TYR B 372 -3.92 -24.78 9.10
C TYR B 372 -3.32 -23.94 10.22
N PRO B 373 -2.26 -24.42 10.86
CA PRO B 373 -1.68 -23.68 11.98
C PRO B 373 -1.13 -22.35 11.51
N CYS B 374 -1.18 -21.36 12.42
CA CYS B 374 -0.64 -20.05 12.10
C CYS B 374 0.87 -20.17 11.89
N GLN B 375 1.35 -19.46 10.88
CA GLN B 375 2.72 -19.60 10.40
C GLN B 375 3.44 -18.27 10.53
N GLY B 376 4.70 -18.33 10.93
CA GLY B 376 5.53 -17.14 10.96
C GLY B 376 5.03 -16.02 11.86
N ILE B 377 4.66 -16.34 13.10
CA ILE B 377 4.32 -15.32 14.08
C ILE B 377 5.58 -14.89 14.81
N VAL B 378 5.86 -13.60 14.81
CA VAL B 378 7.08 -13.01 15.36
C VAL B 378 6.68 -12.02 16.44
N LEU B 379 7.31 -12.11 17.61
CA LEU B 379 7.06 -11.17 18.73
C LEU B 379 8.39 -10.47 19.09
N ASP B 380 8.50 -9.17 18.84
CA ASP B 380 9.71 -8.35 18.98
C ASP B 380 9.48 -7.24 19.99
N ARG B 381 10.11 -7.31 21.15
CA ARG B 381 9.96 -6.29 22.21
C ARG B 381 8.48 -6.07 22.50
N VAL B 382 7.80 -7.13 22.89
CA VAL B 382 6.40 -7.09 23.29
C VAL B 382 6.39 -7.26 24.80
N ASN B 383 5.83 -6.28 25.50
CA ASN B 383 5.88 -6.24 26.97
C ASN B 383 4.53 -5.72 27.47
N ILE B 384 3.63 -6.66 27.73
CA ILE B 384 2.29 -6.35 28.21
C ILE B 384 2.12 -6.98 29.58
N LYS B 385 1.89 -6.14 30.59
CA LYS B 385 1.85 -6.52 31.98
C LYS B 385 0.42 -6.84 32.41
N GLY B 386 0.30 -7.77 33.35
CA GLY B 386 -1.00 -8.21 33.83
C GLY B 386 -1.68 -9.28 33.02
N GLY B 387 -0.93 -10.05 32.23
CA GLY B 387 -1.53 -11.10 31.43
C GLY B 387 -0.54 -12.19 31.10
N LYS B 388 -1.06 -13.37 30.79
CA LYS B 388 -0.28 -14.52 30.34
C LYS B 388 -0.49 -14.73 28.84
N ALA B 389 0.22 -15.72 28.30
CA ALA B 389 0.18 -16.07 26.88
C ALA B 389 -0.29 -17.51 26.73
N THR B 390 -1.27 -17.69 25.85
CA THR B 390 -1.83 -19.00 25.47
C THR B 390 -1.68 -19.14 23.95
N CYS B 391 -1.04 -20.22 23.53
CA CYS B 391 -0.74 -20.48 22.11
C CYS B 391 -1.28 -21.84 21.71
N THR B 392 -2.10 -21.87 20.67
CA THR B 392 -2.68 -23.13 20.18
C THR B 392 -2.49 -23.21 18.65
N ASN B 393 -1.73 -24.17 18.18
CA ASN B 393 -1.57 -24.38 16.73
C ASN B 393 -0.88 -23.17 16.09
N ALA B 394 0.06 -22.58 16.84
CA ALA B 394 0.76 -21.37 16.41
C ALA B 394 2.26 -21.59 16.37
N ASN B 395 2.88 -21.26 15.24
CA ASN B 395 4.34 -21.31 15.07
C ASN B 395 4.91 -19.92 15.40
N VAL B 396 5.53 -19.79 16.58
CA VAL B 396 5.99 -18.51 17.11
C VAL B 396 7.53 -18.44 17.13
N VAL B 397 8.06 -17.23 16.99
CA VAL B 397 9.50 -16.90 17.11
C VAL B 397 9.56 -15.81 18.19
N ASP B 398 9.72 -16.20 19.47
CA ASP B 398 9.62 -15.35 20.68
C ASP B 398 10.70 -15.53 21.76
N LYS B 399 10.97 -16.75 22.27
CA LYS B 399 11.88 -17.14 23.41
C LYS B 399 11.89 -16.14 24.56
N GLY B 400 13.10 -15.73 24.97
CA GLY B 400 13.34 -14.77 26.07
C GLY B 400 13.57 -13.36 25.55
N ALA B 401 12.50 -12.60 25.36
CA ALA B 401 12.53 -11.19 24.86
C ALA B 401 11.19 -10.49 25.13
N VAL B 402 10.09 -10.90 24.47
CA VAL B 402 8.74 -10.31 24.64
C VAL B 402 8.12 -10.89 25.91
N LEU B 403 7.27 -10.12 26.61
CA LEU B 403 6.58 -10.53 27.86
C LEU B 403 5.10 -10.19 27.76
N PRO B 404 4.18 -11.17 27.88
CA PRO B 404 4.55 -12.57 28.14
C PRO B 404 4.95 -13.32 26.86
N GLN B 405 5.41 -14.57 27.01
CA GLN B 405 5.86 -15.45 25.90
C GLN B 405 5.32 -16.86 26.15
N CYS B 406 5.11 -17.63 25.07
CA CYS B 406 4.59 -19.03 25.09
C CYS B 406 5.67 -19.97 25.67
P PO4 C . -16.85 -7.96 17.44
O1 PO4 C . -18.14 -8.27 18.16
O2 PO4 C . -16.11 -9.23 17.13
O3 PO4 C . -15.99 -7.08 18.33
O4 PO4 C . -17.15 -7.23 16.16
#